data_4M0K
#
_entry.id   4M0K
#
_cell.length_a   40.214
_cell.length_b   64.609
_cell.length_c   73.148
_cell.angle_alpha   87.300
_cell.angle_beta   77.230
_cell.angle_gamma   85.370
#
_symmetry.space_group_name_H-M   'P 1'
#
loop_
_entity.id
_entity.type
_entity.pdbx_description
1 polymer 'Adenine phosphoribosyltransferase'
2 non-polymer 'ADENOSINE MONOPHOSPHATE'
3 non-polymer 'CALCIUM ION'
4 water water
#
_entity_poly.entity_id   1
_entity_poly.type   'polypeptide(L)'
_entity_poly.pdbx_seq_one_letter_code
;(MSE)HHHHHHSSGVDLGTENLYFQS(MSE)NATALETLKQAIRTVPDFPEPGIQFKDITPVLGHPELLRLAIEALLEPF
QEQEITKVVGIESRGFILGG(MSE)LAHHLDAGFVPVRKKGKLPYQTLAESYQLEYGTDTIE(MSE)HIDAIEPGDRVLI
HDDVIATGGTAEATIRLVERAGGEVVGCAFLIELTGLQGRKRLPAHVPVHTVLQL
;
_entity_poly.pdbx_strand_id   A,B,C,D
#
# COMPACT_ATOMS: atom_id res chain seq x y z
N ALA A 27 11.90 -11.19 48.30
CA ALA A 27 10.48 -11.57 48.48
C ALA A 27 9.56 -10.86 47.48
N LEU A 28 8.78 -11.63 46.74
CA LEU A 28 7.86 -11.12 45.72
C LEU A 28 6.41 -11.59 45.98
N GLU A 29 6.01 -11.49 47.25
CA GLU A 29 4.71 -11.97 47.70
C GLU A 29 3.53 -11.27 47.03
N THR A 30 3.69 -10.00 46.68
CA THR A 30 2.59 -9.27 46.04
C THR A 30 2.31 -9.82 44.63
N LEU A 31 3.33 -10.34 43.97
CA LEU A 31 3.17 -10.97 42.66
C LEU A 31 2.51 -12.33 42.81
N LYS A 32 3.09 -13.13 43.71
CA LYS A 32 2.61 -14.48 43.99
C LYS A 32 1.14 -14.47 44.35
N GLN A 33 0.73 -13.58 45.25
CA GLN A 33 -0.67 -13.47 45.67
C GLN A 33 -1.64 -13.11 44.55
N ALA A 34 -1.14 -12.40 43.55
CA ALA A 34 -1.95 -11.90 42.45
C ALA A 34 -2.24 -12.98 41.42
N ILE A 35 -1.36 -13.96 41.29
CA ILE A 35 -1.54 -15.04 40.28
C ILE A 35 -2.80 -15.88 40.61
N ARG A 36 -3.69 -16.00 39.63
CA ARG A 36 -4.91 -16.80 39.72
C ARG A 36 -4.67 -18.19 39.15
N THR A 37 -5.25 -19.22 39.76
CA THR A 37 -5.26 -20.54 39.15
C THR A 37 -6.66 -20.85 38.63
N VAL A 38 -6.72 -21.27 37.37
CA VAL A 38 -7.97 -21.70 36.75
C VAL A 38 -7.82 -23.14 36.26
N PRO A 39 -8.25 -24.14 37.06
CA PRO A 39 -8.14 -25.54 36.62
C PRO A 39 -8.93 -25.82 35.35
N ASP A 40 -8.39 -26.69 34.52
CA ASP A 40 -9.06 -27.17 33.29
C ASP A 40 -9.13 -26.16 32.15
N PHE A 41 -8.28 -25.13 32.22
CA PHE A 41 -8.12 -24.21 31.10
C PHE A 41 -6.69 -24.32 30.59
N PRO A 42 -6.48 -24.35 29.25
CA PRO A 42 -7.48 -24.38 28.17
C PRO A 42 -8.03 -25.78 27.90
N GLU A 43 -7.49 -26.78 28.61
CA GLU A 43 -7.93 -28.18 28.46
C GLU A 43 -8.07 -28.79 29.84
N PRO A 44 -8.92 -29.83 30.00
CA PRO A 44 -9.00 -30.49 31.31
C PRO A 44 -7.63 -31.00 31.78
N GLY A 45 -7.35 -30.87 33.07
CA GLY A 45 -6.07 -31.31 33.63
C GLY A 45 -5.04 -30.22 33.83
N ILE A 46 -5.09 -29.18 33.01
CA ILE A 46 -4.15 -28.06 33.13
C ILE A 46 -4.54 -27.17 34.29
N GLN A 47 -3.57 -26.93 35.18
CA GLN A 47 -3.77 -26.08 36.33
C GLN A 47 -3.32 -24.68 35.92
N PHE A 48 -4.20 -23.96 35.21
CA PHE A 48 -3.75 -22.74 34.52
C PHE A 48 -3.34 -21.60 35.45
N LYS A 49 -2.15 -21.07 35.23
CA LYS A 49 -1.69 -19.90 35.97
C LYS A 49 -1.96 -18.66 35.15
N ASP A 50 -2.95 -17.89 35.60
CA ASP A 50 -3.43 -16.66 34.95
C ASP A 50 -2.72 -15.44 35.54
N ILE A 51 -1.87 -14.80 34.73
CA ILE A 51 -1.11 -13.64 35.22
C ILE A 51 -1.80 -12.29 34.93
N THR A 52 -3.01 -12.31 34.41
CA THR A 52 -3.68 -11.02 34.12
C THR A 52 -3.82 -10.07 35.32
N PRO A 53 -3.98 -10.58 36.56
CA PRO A 53 -3.99 -9.61 37.67
C PRO A 53 -2.65 -8.86 37.83
N VAL A 54 -1.54 -9.50 37.47
CA VAL A 54 -0.24 -8.81 37.49
C VAL A 54 -0.19 -7.78 36.36
N LEU A 55 -0.63 -8.18 35.17
CA LEU A 55 -0.55 -7.34 33.98
C LEU A 55 -1.36 -6.07 34.13
N GLY A 56 -2.47 -6.16 34.85
CA GLY A 56 -3.44 -5.07 34.92
C GLY A 56 -3.13 -3.99 35.92
N HIS A 57 -2.19 -4.25 36.82
CA HIS A 57 -1.82 -3.30 37.87
C HIS A 57 -0.38 -2.84 37.63
N PRO A 58 -0.20 -1.55 37.31
CA PRO A 58 1.13 -1.03 36.93
C PRO A 58 2.23 -1.27 37.98
N GLU A 59 1.88 -1.23 39.25
CA GLU A 59 2.84 -1.46 40.34
C GLU A 59 3.36 -2.90 40.28
N LEU A 60 2.49 -3.85 39.93
CA LEU A 60 2.90 -5.26 39.90
C LEU A 60 3.56 -5.57 38.56
N LEU A 61 3.07 -4.94 37.50
CA LEU A 61 3.69 -5.07 36.20
C LEU A 61 5.15 -4.59 36.29
N ARG A 62 5.37 -3.44 36.94
CA ARG A 62 6.72 -2.92 37.14
C ARG A 62 7.64 -3.91 37.88
N LEU A 63 7.12 -4.51 38.95
CA LEU A 63 7.85 -5.49 39.73
C LEU A 63 8.18 -6.72 38.87
N ALA A 64 7.22 -7.17 38.08
CA ALA A 64 7.44 -8.35 37.25
C ALA A 64 8.55 -8.14 36.23
N ILE A 65 8.51 -7.00 35.53
CA ILE A 65 9.55 -6.67 34.55
C ILE A 65 10.94 -6.56 35.18
N GLU A 66 11.02 -5.86 36.32
CA GLU A 66 12.28 -5.71 37.06
C GLU A 66 12.82 -7.10 37.46
N ALA A 67 11.94 -7.98 37.93
CA ALA A 67 12.39 -9.27 38.40
C ALA A 67 12.86 -10.14 37.25
N LEU A 68 12.18 -10.03 36.11
CA LEU A 68 12.55 -10.80 34.91
C LEU A 68 13.92 -10.39 34.40
N LEU A 69 14.21 -9.10 34.50
CA LEU A 69 15.40 -8.55 33.88
C LEU A 69 16.63 -8.59 34.77
N GLU A 70 16.45 -8.72 36.07
CA GLU A 70 17.56 -8.55 37.02
C GLU A 70 18.85 -9.35 36.72
N PRO A 71 18.73 -10.64 36.37
CA PRO A 71 19.97 -11.39 36.11
C PRO A 71 20.68 -10.99 34.82
N PHE A 72 20.06 -10.13 34.03
CA PHE A 72 20.56 -9.75 32.70
C PHE A 72 21.00 -8.29 32.58
N GLN A 73 21.31 -7.68 33.71
CA GLN A 73 21.85 -6.32 33.75
C GLN A 73 23.15 -6.20 32.95
N GLU A 74 23.29 -5.09 32.21
CA GLU A 74 24.50 -4.76 31.46
C GLU A 74 24.93 -5.82 30.45
N GLN A 75 23.98 -6.65 30.03
CA GLN A 75 24.25 -7.64 29.00
C GLN A 75 23.62 -7.20 27.71
N GLU A 76 24.40 -7.25 26.64
CA GLU A 76 23.92 -6.88 25.32
C GLU A 76 22.87 -7.91 24.93
N ILE A 77 21.65 -7.43 24.71
CA ILE A 77 20.54 -8.26 24.21
CA ILE A 77 20.56 -8.28 24.19
C ILE A 77 20.03 -7.63 22.92
N THR A 78 20.19 -8.35 21.81
CA THR A 78 19.79 -7.89 20.48
C THR A 78 18.29 -8.12 20.21
N LYS A 79 17.80 -9.23 20.72
CA LYS A 79 16.45 -9.69 20.38
C LYS A 79 15.85 -10.34 21.62
N VAL A 80 14.55 -10.12 21.81
CA VAL A 80 13.76 -10.90 22.78
C VAL A 80 12.73 -11.71 21.98
N VAL A 81 12.71 -13.02 22.24
CA VAL A 81 11.72 -13.93 21.68
C VAL A 81 10.62 -14.08 22.71
N GLY A 82 9.37 -13.85 22.28
CA GLY A 82 8.20 -14.15 23.12
C GLY A 82 7.51 -15.41 22.55
N ILE A 83 7.33 -16.39 23.43
CA ILE A 83 6.73 -17.64 23.04
C ILE A 83 5.20 -17.60 23.10
N GLU A 84 4.59 -17.59 21.90
CA GLU A 84 3.13 -17.59 21.70
CA GLU A 84 3.14 -17.68 21.75
C GLU A 84 2.41 -16.43 22.34
N SER A 85 1.11 -16.35 22.17
CA SER A 85 0.34 -15.14 22.48
CA SER A 85 0.38 -15.12 22.46
C SER A 85 0.60 -14.61 23.89
N ARG A 86 0.53 -15.50 24.86
CA ARG A 86 0.68 -15.07 26.24
C ARG A 86 2.11 -14.75 26.53
N GLY A 87 3.08 -15.26 25.77
CA GLY A 87 4.47 -14.78 25.97
C GLY A 87 4.75 -13.48 25.25
N PHE A 88 3.86 -13.02 24.38
CA PHE A 88 4.07 -11.75 23.67
C PHE A 88 3.92 -10.58 24.62
N ILE A 89 3.12 -10.76 25.67
CA ILE A 89 2.74 -9.61 26.47
C ILE A 89 3.93 -9.03 27.28
N LEU A 90 4.51 -9.84 28.16
CA LEU A 90 5.72 -9.35 28.84
C LEU A 90 6.92 -9.37 27.90
N GLY A 91 6.89 -10.28 26.90
CA GLY A 91 8.00 -10.42 25.94
C GLY A 91 8.28 -9.10 25.22
N GLY A 92 7.22 -8.47 24.74
CA GLY A 92 7.35 -7.18 24.07
C GLY A 92 7.92 -6.12 25.01
N LEU A 94 9.80 -6.50 27.58
CA LEU A 94 11.22 -6.77 27.75
C LEU A 94 12.04 -6.24 26.60
N ALA A 95 11.58 -6.47 25.36
CA ALA A 95 12.30 -5.97 24.20
C ALA A 95 12.40 -4.45 24.24
N HIS A 96 11.27 -3.78 24.53
CA HIS A 96 11.24 -2.31 24.63
C HIS A 96 12.18 -1.81 25.72
N HIS A 97 12.14 -2.47 26.88
CA HIS A 97 12.96 -2.05 28.03
C HIS A 97 14.45 -2.20 27.74
N LEU A 98 14.80 -3.15 26.90
CA LEU A 98 16.18 -3.48 26.55
C LEU A 98 16.67 -2.83 25.25
N ASP A 99 15.83 -1.97 24.65
CA ASP A 99 16.15 -1.43 23.32
C ASP A 99 16.54 -2.53 22.31
N ALA A 100 15.79 -3.65 22.36
CA ALA A 100 16.02 -4.82 21.51
C ALA A 100 14.90 -4.93 20.50
N GLY A 101 15.09 -5.81 19.50
CA GLY A 101 14.01 -6.20 18.63
C GLY A 101 13.16 -7.25 19.34
N PHE A 102 11.94 -7.42 18.86
CA PHE A 102 11.04 -8.44 19.37
C PHE A 102 10.76 -9.44 18.28
N VAL A 103 10.82 -10.72 18.67
CA VAL A 103 10.52 -11.80 17.74
C VAL A 103 9.42 -12.73 18.28
N PRO A 104 8.29 -12.90 17.56
CA PRO A 104 7.28 -13.86 17.99
C PRO A 104 7.62 -15.28 17.52
N VAL A 105 7.50 -16.26 18.41
CA VAL A 105 7.54 -17.66 18.04
C VAL A 105 6.12 -18.15 18.25
N ARG A 106 5.61 -18.92 17.28
CA ARG A 106 4.19 -19.33 17.26
C ARG A 106 3.96 -20.78 16.98
N LYS A 107 2.79 -21.24 17.38
CA LYS A 107 2.29 -22.54 16.96
CA LYS A 107 2.33 -22.55 16.95
C LYS A 107 2.28 -22.57 15.43
N LYS A 108 2.50 -23.75 14.87
CA LYS A 108 2.47 -23.98 13.42
C LYS A 108 1.28 -23.33 12.73
N GLY A 109 1.56 -22.60 11.65
CA GLY A 109 0.51 -22.01 10.80
C GLY A 109 0.08 -20.61 11.17
N LYS A 110 0.58 -20.07 12.28
CA LYS A 110 0.11 -18.78 12.74
C LYS A 110 0.92 -17.60 12.19
N LEU A 111 2.18 -17.84 11.84
CA LEU A 111 3.02 -16.77 11.29
C LEU A 111 2.83 -16.68 9.78
N PRO A 112 2.80 -15.46 9.23
CA PRO A 112 2.51 -15.27 7.79
C PRO A 112 3.67 -15.52 6.83
N TYR A 113 4.90 -15.19 7.24
CA TYR A 113 6.04 -15.30 6.32
C TYR A 113 6.68 -16.69 6.39
N GLN A 114 7.66 -16.94 5.51
CA GLN A 114 8.39 -18.21 5.53
CA GLN A 114 8.40 -18.21 5.53
C GLN A 114 9.03 -18.46 6.89
N THR A 115 8.96 -19.71 7.35
CA THR A 115 9.39 -20.07 8.70
C THR A 115 10.39 -21.21 8.74
N LEU A 116 11.12 -21.24 9.85
CA LEU A 116 11.78 -22.45 10.33
C LEU A 116 10.84 -23.08 11.33
N ALA A 117 10.86 -24.40 11.43
CA ALA A 117 9.94 -25.11 12.32
C ALA A 117 10.69 -26.15 13.15
N GLU A 118 10.17 -26.37 14.35
CA GLU A 118 10.64 -27.45 15.21
C GLU A 118 9.44 -28.25 15.72
N SER A 119 9.47 -29.55 15.50
CA SER A 119 8.45 -30.44 16.07
C SER A 119 9.02 -31.16 17.28
N TYR A 120 8.17 -31.48 18.25
CA TYR A 120 8.66 -32.11 19.47
C TYR A 120 7.58 -32.97 20.09
N GLN A 121 8.03 -34.02 20.77
CA GLN A 121 7.14 -35.00 21.38
C GLN A 121 6.61 -34.46 22.70
N LEU A 122 5.31 -34.62 22.91
CA LEU A 122 4.66 -34.24 24.17
C LEU A 122 4.48 -35.51 25.02
N GLU A 123 3.90 -35.35 26.20
CA GLU A 123 3.50 -36.53 26.97
C GLU A 123 2.61 -37.42 26.08
N TYR A 124 1.64 -36.77 25.44
CA TYR A 124 0.79 -37.42 24.46
C TYR A 124 0.75 -36.53 23.23
N GLY A 125 1.13 -37.07 22.09
CA GLY A 125 1.08 -36.31 20.86
C GLY A 125 2.34 -35.51 20.61
N THR A 126 2.23 -34.55 19.70
CA THR A 126 3.37 -33.77 19.23
C THR A 126 2.89 -32.37 18.98
N ASP A 127 3.78 -31.39 19.13
CA ASP A 127 3.49 -30.00 18.77
C ASP A 127 4.59 -29.50 17.83
N THR A 128 4.28 -28.42 17.12
CA THR A 128 5.24 -27.76 16.21
C THR A 128 5.18 -26.26 16.42
N ILE A 129 6.35 -25.64 16.57
CA ILE A 129 6.43 -24.19 16.68
C ILE A 129 7.30 -23.67 15.55
N GLU A 130 7.19 -22.37 15.28
CA GLU A 130 7.78 -21.78 14.09
C GLU A 130 8.27 -20.38 14.40
N HIS A 132 9.88 -16.87 11.96
CA HIS A 132 10.19 -16.40 10.63
C HIS A 132 11.67 -16.65 10.27
N ILE A 133 11.94 -16.96 9.01
CA ILE A 133 13.31 -17.25 8.57
C ILE A 133 14.27 -16.06 8.70
N ASP A 134 13.72 -14.84 8.76
CA ASP A 134 14.55 -13.64 8.86
C ASP A 134 14.43 -12.95 10.23
N ALA A 135 13.93 -13.69 11.23
CA ALA A 135 13.71 -13.11 12.56
C ALA A 135 15.02 -12.84 13.26
N ILE A 136 15.95 -13.79 13.14
CA ILE A 136 17.19 -13.78 13.93
C ILE A 136 18.32 -13.89 12.92
N GLU A 137 19.39 -13.15 13.17
CA GLU A 137 20.58 -13.17 12.34
C GLU A 137 21.76 -13.77 13.08
N PRO A 138 22.70 -14.39 12.36
CA PRO A 138 23.87 -14.95 13.03
C PRO A 138 24.54 -13.89 13.90
N GLY A 139 24.81 -14.23 15.15
CA GLY A 139 25.45 -13.31 16.07
C GLY A 139 24.51 -12.58 17.01
N ASP A 140 23.21 -12.61 16.72
CA ASP A 140 22.24 -12.00 17.63
C ASP A 140 22.38 -12.59 19.02
N ARG A 141 22.22 -11.74 20.03
CA ARG A 141 22.20 -12.18 21.41
C ARG A 141 20.74 -12.16 21.86
N VAL A 142 20.24 -13.31 22.29
CA VAL A 142 18.77 -13.49 22.39
C VAL A 142 18.34 -13.89 23.80
N LEU A 143 17.30 -13.20 24.30
CA LEU A 143 16.61 -13.57 25.54
C LEU A 143 15.28 -14.20 25.14
N ILE A 144 15.01 -15.39 25.66
CA ILE A 144 13.75 -16.11 25.35
C ILE A 144 12.82 -15.95 26.54
N HIS A 145 11.58 -15.53 26.32
CA HIS A 145 10.62 -15.33 27.40
C HIS A 145 9.34 -16.08 27.14
N ASP A 146 8.76 -16.62 28.23
CA ASP A 146 7.36 -17.06 28.22
C ASP A 146 6.82 -16.74 29.63
N ASP A 147 5.50 -16.58 29.76
CA ASP A 147 4.96 -16.32 31.10
C ASP A 147 5.23 -17.50 32.03
N VAL A 148 5.04 -18.71 31.51
CA VAL A 148 5.14 -19.93 32.31
C VAL A 148 6.03 -20.94 31.61
N ILE A 149 6.91 -21.61 32.36
CA ILE A 149 7.51 -22.86 31.90
C ILE A 149 6.84 -24.00 32.67
N ALA A 150 6.31 -24.96 31.93
CA ALA A 150 5.70 -26.14 32.50
C ALA A 150 6.60 -27.36 32.27
N THR A 151 6.36 -28.11 31.19
CA THR A 151 7.26 -29.23 30.87
C THR A 151 8.59 -28.79 30.27
N GLY A 152 8.66 -27.54 29.82
CA GLY A 152 9.84 -27.08 29.11
C GLY A 152 9.97 -27.51 27.66
N GLY A 153 9.00 -28.29 27.14
CA GLY A 153 9.09 -28.77 25.73
C GLY A 153 9.14 -27.60 24.74
N THR A 154 8.31 -26.60 24.96
CA THR A 154 8.22 -25.48 24.01
C THR A 154 9.48 -24.61 24.06
N ALA A 155 9.97 -24.31 25.25
CA ALA A 155 11.20 -23.53 25.43
C ALA A 155 12.40 -24.30 24.84
N GLU A 156 12.45 -25.62 25.04
CA GLU A 156 13.53 -26.38 24.42
C GLU A 156 13.54 -26.20 22.90
N ALA A 157 12.37 -26.37 22.28
CA ALA A 157 12.26 -26.23 20.82
C ALA A 157 12.55 -24.82 20.34
N THR A 158 12.19 -23.83 21.17
CA THR A 158 12.48 -22.42 20.83
C THR A 158 14.00 -22.14 20.84
N ILE A 159 14.70 -22.70 21.82
CA ILE A 159 16.16 -22.59 21.84
C ILE A 159 16.72 -23.14 20.53
N ARG A 160 16.20 -24.29 20.09
CA ARG A 160 16.66 -24.90 18.84
C ARG A 160 16.43 -23.97 17.64
N LEU A 161 15.26 -23.34 17.58
CA LEU A 161 14.96 -22.38 16.49
C LEU A 161 15.99 -21.24 16.47
N VAL A 162 16.20 -20.60 17.63
CA VAL A 162 17.10 -19.48 17.75
C VAL A 162 18.50 -19.88 17.33
N GLU A 163 18.96 -21.04 17.80
CA GLU A 163 20.30 -21.50 17.45
C GLU A 163 20.48 -21.85 15.98
N ARG A 164 19.46 -22.46 15.36
CA ARG A 164 19.52 -22.72 13.93
C ARG A 164 19.69 -21.45 13.11
N ALA A 165 19.11 -20.35 13.59
CA ALA A 165 19.24 -19.06 12.92
C ALA A 165 20.57 -18.37 13.17
N GLY A 166 21.41 -18.91 14.05
CA GLY A 166 22.69 -18.30 14.39
C GLY A 166 22.64 -17.42 15.63
N GLY A 167 21.50 -17.41 16.33
CA GLY A 167 21.42 -16.65 17.56
C GLY A 167 22.10 -17.34 18.70
N GLU A 168 22.60 -16.54 19.65
CA GLU A 168 23.14 -17.06 20.88
C GLU A 168 22.13 -16.79 21.97
N VAL A 169 21.75 -17.82 22.72
CA VAL A 169 20.76 -17.67 23.79
C VAL A 169 21.44 -17.23 25.09
N VAL A 170 21.24 -15.96 25.41
CA VAL A 170 21.83 -15.37 26.60
C VAL A 170 21.16 -15.98 27.85
N GLY A 171 19.88 -16.32 27.71
CA GLY A 171 19.12 -16.92 28.79
C GLY A 171 17.65 -17.04 28.43
N CYS A 172 16.94 -17.76 29.28
CA CYS A 172 15.46 -17.77 29.26
C CYS A 172 15.00 -17.06 30.53
N ALA A 173 13.94 -16.26 30.42
CA ALA A 173 13.34 -15.58 31.57
C ALA A 173 11.83 -15.89 31.57
N PHE A 174 11.40 -16.65 32.59
CA PHE A 174 9.97 -16.99 32.74
C PHE A 174 9.44 -16.33 34.00
N LEU A 175 8.21 -15.83 33.96
CA LEU A 175 7.63 -15.35 35.22
C LEU A 175 7.40 -16.46 36.22
N ILE A 176 6.89 -17.58 35.73
CA ILE A 176 6.50 -18.69 36.60
C ILE A 176 7.11 -19.98 36.13
N GLU A 177 7.64 -20.75 37.07
CA GLU A 177 8.03 -22.13 36.87
C GLU A 177 7.05 -23.05 37.62
N LEU A 178 6.53 -24.06 36.95
CA LEU A 178 5.73 -25.07 37.66
C LEU A 178 6.71 -26.11 38.18
N THR A 179 7.14 -25.92 39.41
CA THR A 179 8.28 -26.67 39.95
C THR A 179 8.08 -28.17 39.92
N GLY A 180 6.86 -28.62 40.16
CA GLY A 180 6.54 -30.05 40.16
C GLY A 180 6.91 -30.74 38.86
N LEU A 181 6.77 -30.02 37.75
CA LEU A 181 7.00 -30.58 36.42
C LEU A 181 8.48 -30.64 36.02
N GLN A 182 9.33 -29.90 36.74
CA GLN A 182 10.78 -29.90 36.52
C GLN A 182 11.15 -29.61 35.06
N GLY A 183 10.49 -28.62 34.49
CA GLY A 183 10.75 -28.22 33.09
C GLY A 183 12.19 -27.82 32.84
N ARG A 184 12.85 -27.30 33.87
CA ARG A 184 14.28 -26.98 33.76
C ARG A 184 15.12 -28.15 33.24
N LYS A 185 14.76 -29.36 33.65
CA LYS A 185 15.53 -30.57 33.29
C LYS A 185 15.46 -30.88 31.80
N ARG A 186 14.44 -30.36 31.12
CA ARG A 186 14.27 -30.59 29.68
C ARG A 186 15.14 -29.65 28.85
N LEU A 187 15.63 -28.58 29.46
CA LEU A 187 16.38 -27.57 28.73
C LEU A 187 17.87 -27.90 28.72
N PRO A 188 18.57 -27.54 27.64
CA PRO A 188 19.99 -27.89 27.56
C PRO A 188 20.86 -27.19 28.61
N ALA A 189 21.86 -27.91 29.10
CA ALA A 189 22.73 -27.40 30.15
C ALA A 189 23.34 -26.03 29.88
N HIS A 190 23.62 -25.73 28.60
CA HIS A 190 24.35 -24.51 28.23
C HIS A 190 23.53 -23.20 28.29
N VAL A 191 22.22 -23.30 28.53
CA VAL A 191 21.39 -22.10 28.54
C VAL A 191 20.99 -21.69 29.97
N PRO A 192 21.36 -20.48 30.40
CA PRO A 192 20.91 -19.96 31.70
C PRO A 192 19.39 -19.78 31.75
N VAL A 193 18.75 -20.26 32.81
CA VAL A 193 17.30 -20.20 32.98
C VAL A 193 16.95 -19.48 34.28
N HIS A 194 16.20 -18.39 34.14
CA HIS A 194 15.75 -17.58 35.25
C HIS A 194 14.22 -17.68 35.35
N THR A 195 13.74 -18.01 36.54
CA THR A 195 12.31 -18.01 36.84
C THR A 195 12.06 -17.09 38.03
N VAL A 196 11.01 -16.25 37.95
CA VAL A 196 10.76 -15.28 39.03
C VAL A 196 10.02 -15.95 40.18
N LEU A 197 9.00 -16.73 39.84
CA LEU A 197 8.15 -17.40 40.83
C LEU A 197 8.19 -18.89 40.64
N GLN A 198 8.23 -19.61 41.75
CA GLN A 198 8.19 -21.06 41.72
C GLN A 198 6.84 -21.44 42.31
N LEU A 199 5.96 -21.96 41.46
CA LEU A 199 4.59 -22.29 41.87
C LEU A 199 4.33 -23.79 41.74
N THR B 26 9.75 11.25 7.37
CA THR B 26 10.74 10.39 6.67
C THR B 26 11.22 9.22 7.54
N ALA B 27 11.28 9.43 8.85
CA ALA B 27 11.51 8.32 9.77
C ALA B 27 10.33 7.36 9.61
N LEU B 28 9.14 7.93 9.50
CA LEU B 28 7.91 7.18 9.23
C LEU B 28 7.88 6.49 7.86
N GLU B 29 8.56 7.06 6.86
CA GLU B 29 8.65 6.41 5.56
C GLU B 29 9.46 5.12 5.64
N THR B 30 10.48 5.13 6.50
CA THR B 30 11.25 3.91 6.78
C THR B 30 10.38 2.82 7.42
N LEU B 31 9.49 3.20 8.34
CA LEU B 31 8.49 2.26 8.88
C LEU B 31 7.61 1.68 7.77
N LYS B 32 7.08 2.57 6.93
CA LYS B 32 6.20 2.15 5.84
C LYS B 32 6.88 1.11 4.97
N GLN B 33 8.12 1.39 4.57
CA GLN B 33 8.82 0.51 3.65
C GLN B 33 9.14 -0.84 4.24
N ALA B 34 9.20 -0.92 5.57
CA ALA B 34 9.53 -2.17 6.25
C ALA B 34 8.35 -3.14 6.32
N ILE B 35 7.13 -2.61 6.27
CA ILE B 35 5.93 -3.47 6.28
C ILE B 35 5.91 -4.42 5.09
N ARG B 36 5.60 -5.68 5.35
CA ARG B 36 5.60 -6.74 4.37
C ARG B 36 4.16 -7.20 4.10
N THR B 37 3.76 -7.37 2.84
CA THR B 37 2.43 -7.93 2.54
C THR B 37 2.59 -9.39 2.16
N VAL B 38 1.78 -10.24 2.79
CA VAL B 38 1.79 -11.65 2.49
C VAL B 38 0.45 -12.00 1.88
N PRO B 39 0.44 -12.39 0.59
CA PRO B 39 -0.83 -12.71 -0.06
C PRO B 39 -1.42 -14.02 0.45
N ASP B 40 -2.74 -14.04 0.56
CA ASP B 40 -3.50 -15.24 0.94
C ASP B 40 -3.07 -15.79 2.30
N PHE B 41 -3.13 -14.91 3.31
CA PHE B 41 -2.95 -15.30 4.71
C PHE B 41 -3.83 -14.41 5.60
N PRO B 42 -4.59 -15.01 6.53
CA PRO B 42 -4.75 -16.45 6.81
C PRO B 42 -5.65 -17.18 5.80
N GLU B 43 -6.81 -16.58 5.50
CA GLU B 43 -7.72 -17.12 4.48
C GLU B 43 -7.39 -16.52 3.12
N PRO B 44 -7.49 -17.33 2.03
CA PRO B 44 -7.23 -16.84 0.67
C PRO B 44 -7.96 -15.54 0.36
N GLY B 45 -7.29 -14.66 -0.36
CA GLY B 45 -7.85 -13.35 -0.69
C GLY B 45 -7.36 -12.23 0.23
N ILE B 46 -7.15 -12.56 1.50
CA ILE B 46 -6.69 -11.56 2.48
C ILE B 46 -5.24 -11.15 2.20
N GLN B 47 -5.03 -9.83 2.20
CA GLN B 47 -3.72 -9.24 1.95
C GLN B 47 -3.07 -8.88 3.28
N PHE B 48 -2.34 -9.84 3.85
CA PHE B 48 -1.89 -9.70 5.25
C PHE B 48 -0.75 -8.72 5.41
N LYS B 49 -0.91 -7.76 6.32
CA LYS B 49 0.18 -6.81 6.62
C LYS B 49 1.00 -7.33 7.79
N ASP B 50 2.22 -7.76 7.47
CA ASP B 50 3.13 -8.38 8.43
C ASP B 50 4.07 -7.33 8.98
N ILE B 51 3.91 -7.03 10.28
CA ILE B 51 4.75 -6.00 10.93
C ILE B 51 6.02 -6.55 11.59
N THR B 52 6.30 -7.85 11.45
CA THR B 52 7.50 -8.41 12.09
C THR B 52 8.81 -7.74 11.69
N PRO B 53 8.94 -7.24 10.43
CA PRO B 53 10.22 -6.55 10.17
C PRO B 53 10.39 -5.24 11.00
N VAL B 54 9.29 -4.59 11.38
CA VAL B 54 9.38 -3.42 12.27
C VAL B 54 9.70 -3.89 13.69
N LEU B 55 9.00 -4.93 14.14
CA LEU B 55 9.17 -5.44 15.50
C LEU B 55 10.59 -5.90 15.77
N GLY B 56 11.24 -6.47 14.77
CA GLY B 56 12.52 -7.14 14.95
C GLY B 56 13.72 -6.21 14.95
N HIS B 57 13.54 -5.02 14.39
CA HIS B 57 14.63 -4.06 14.29
C HIS B 57 14.47 -3.01 15.38
N PRO B 58 15.43 -2.96 16.33
CA PRO B 58 15.25 -2.14 17.52
C PRO B 58 14.95 -0.66 17.25
N GLU B 59 15.57 -0.10 16.21
CA GLU B 59 15.33 1.29 15.83
C GLU B 59 13.91 1.54 15.29
N LEU B 60 13.42 0.63 14.45
CA LEU B 60 12.07 0.75 13.91
C LEU B 60 11.03 0.55 15.00
N LEU B 61 11.26 -0.44 15.85
CA LEU B 61 10.38 -0.69 16.98
C LEU B 61 10.29 0.55 17.89
N ARG B 62 11.41 1.21 18.15
CA ARG B 62 11.40 2.42 18.95
C ARG B 62 10.56 3.52 18.29
N LEU B 63 10.74 3.71 16.98
CA LEU B 63 9.96 4.71 16.21
C LEU B 63 8.46 4.41 16.21
N ALA B 64 8.12 3.13 16.14
CA ALA B 64 6.73 2.69 16.11
C ALA B 64 6.03 3.06 17.41
N ILE B 65 6.67 2.75 18.53
CA ILE B 65 6.11 3.08 19.83
C ILE B 65 5.99 4.59 20.04
N GLU B 66 7.03 5.34 19.69
CA GLU B 66 6.97 6.78 19.81
C GLU B 66 5.84 7.38 19.00
N ALA B 67 5.65 6.87 17.77
CA ALA B 67 4.61 7.39 16.89
C ALA B 67 3.20 7.09 17.41
N LEU B 68 3.02 5.87 17.94
CA LEU B 68 1.72 5.46 18.48
C LEU B 68 1.30 6.30 19.69
N LEU B 69 2.30 6.73 20.46
CA LEU B 69 2.04 7.39 21.72
C LEU B 69 2.05 8.90 21.66
N GLU B 70 2.47 9.44 20.52
CA GLU B 70 2.66 10.90 20.41
C GLU B 70 1.44 11.72 20.90
N PRO B 71 0.21 11.33 20.50
CA PRO B 71 -0.96 12.06 20.99
C PRO B 71 -1.40 11.70 22.42
N PHE B 72 -0.79 10.69 23.02
CA PHE B 72 -1.34 10.08 24.23
C PHE B 72 -0.46 10.14 25.49
N GLN B 73 0.79 10.57 25.34
CA GLN B 73 1.76 10.49 26.43
C GLN B 73 1.34 11.28 27.68
N GLU B 74 0.57 12.35 27.49
CA GLU B 74 0.19 13.24 28.58
C GLU B 74 -1.29 13.20 28.97
N GLN B 75 -1.92 12.04 28.78
CA GLN B 75 -3.37 11.91 28.91
C GLN B 75 -3.85 11.10 30.13
N GLU B 76 -2.97 10.85 31.09
CA GLU B 76 -3.30 10.13 32.32
C GLU B 76 -3.99 8.78 32.04
N ILE B 77 -3.45 8.05 31.08
CA ILE B 77 -3.98 6.73 30.70
C ILE B 77 -3.66 5.72 31.82
N THR B 78 -4.68 4.96 32.23
CA THR B 78 -4.49 4.00 33.30
C THR B 78 -4.44 2.55 32.81
N LYS B 79 -5.00 2.29 31.61
CA LYS B 79 -5.04 0.95 31.06
C LYS B 79 -4.87 1.03 29.57
N VAL B 80 -4.06 0.13 29.03
CA VAL B 80 -3.97 -0.12 27.58
C VAL B 80 -4.56 -1.49 27.28
N VAL B 81 -5.51 -1.51 26.34
CA VAL B 81 -6.10 -2.75 25.86
C VAL B 81 -5.38 -3.14 24.59
N GLY B 82 -4.94 -4.39 24.50
CA GLY B 82 -4.44 -4.96 23.25
C GLY B 82 -5.42 -5.97 22.70
N ILE B 83 -5.79 -5.77 21.43
CA ILE B 83 -6.80 -6.62 20.78
C ILE B 83 -6.09 -7.81 20.15
N GLU B 84 -6.28 -8.96 20.79
CA GLU B 84 -5.80 -10.27 20.32
C GLU B 84 -4.30 -10.38 20.21
N SER B 85 -3.80 -11.56 19.85
CA SER B 85 -2.38 -11.89 19.97
CA SER B 85 -2.38 -11.86 20.00
C SER B 85 -1.49 -10.83 19.34
N ARG B 86 -1.80 -10.44 18.09
CA ARG B 86 -0.97 -9.48 17.40
C ARG B 86 -1.08 -8.08 17.97
N GLY B 87 -2.18 -7.76 18.65
CA GLY B 87 -2.26 -6.49 19.38
C GLY B 87 -1.58 -6.51 20.73
N PHE B 88 -1.25 -7.68 21.28
CA PHE B 88 -0.53 -7.74 22.55
C PHE B 88 0.89 -7.27 22.41
N ILE B 89 1.48 -7.36 21.21
CA ILE B 89 2.91 -7.10 21.10
C ILE B 89 3.27 -5.65 21.36
N LEU B 90 2.74 -4.75 20.54
CA LEU B 90 2.98 -3.33 20.81
C LEU B 90 2.12 -2.87 21.98
N GLY B 91 0.99 -3.52 22.20
CA GLY B 91 0.07 -3.15 23.27
C GLY B 91 0.72 -3.18 24.64
N GLY B 92 1.44 -4.27 24.94
CA GLY B 92 2.15 -4.38 26.22
C GLY B 92 3.20 -3.29 26.36
N LEU B 94 3.17 -0.36 25.01
CA LEU B 94 2.45 0.90 25.23
C LEU B 94 2.10 1.05 26.72
N ALA B 95 1.60 -0.02 27.33
CA ALA B 95 1.23 -0.01 28.75
C ALA B 95 2.46 0.25 29.58
N HIS B 96 3.53 -0.51 29.31
CA HIS B 96 4.78 -0.37 30.05
C HIS B 96 5.32 1.07 29.95
N HIS B 97 5.35 1.61 28.74
CA HIS B 97 5.84 2.98 28.49
C HIS B 97 5.05 4.05 29.22
N LEU B 98 3.73 3.88 29.31
CA LEU B 98 2.80 4.82 29.95
C LEU B 98 2.66 4.58 31.45
N ASP B 99 3.37 3.59 31.99
CA ASP B 99 3.18 3.15 33.38
C ASP B 99 1.69 2.90 33.68
N ALA B 100 1.05 2.19 32.75
CA ALA B 100 -0.35 1.84 32.83
C ALA B 100 -0.44 0.32 32.99
N GLY B 101 -1.62 -0.18 33.34
CA GLY B 101 -1.86 -1.62 33.31
C GLY B 101 -2.17 -2.07 31.88
N PHE B 102 -1.94 -3.36 31.59
CA PHE B 102 -2.25 -3.92 30.28
C PHE B 102 -3.42 -4.87 30.42
N VAL B 103 -4.37 -4.79 29.48
CA VAL B 103 -5.56 -5.65 29.42
C VAL B 103 -5.69 -6.36 28.07
N PRO B 104 -5.63 -7.71 28.07
CA PRO B 104 -5.90 -8.42 26.80
C PRO B 104 -7.39 -8.56 26.50
N VAL B 105 -7.75 -8.17 25.30
CA VAL B 105 -9.07 -8.55 24.76
C VAL B 105 -8.90 -9.70 23.74
N ARG B 106 -9.78 -10.71 23.79
CA ARG B 106 -9.56 -11.91 22.97
C ARG B 106 -10.84 -12.41 22.36
N LYS B 107 -10.72 -13.24 21.33
CA LYS B 107 -11.87 -13.98 20.79
C LYS B 107 -12.46 -14.87 21.87
N LYS B 108 -13.75 -15.17 21.72
CA LYS B 108 -14.50 -15.95 22.68
C LYS B 108 -13.80 -17.26 23.06
N GLY B 109 -13.76 -17.52 24.36
CA GLY B 109 -13.20 -18.75 24.93
C GLY B 109 -11.70 -18.75 25.17
N LYS B 110 -11.01 -17.68 24.78
CA LYS B 110 -9.54 -17.66 24.84
C LYS B 110 -8.96 -17.07 26.12
N LEU B 111 -9.79 -16.41 26.92
CA LEU B 111 -9.37 -15.94 28.24
C LEU B 111 -9.78 -16.90 29.35
N PRO B 112 -8.95 -17.02 30.39
CA PRO B 112 -9.18 -18.00 31.44
C PRO B 112 -10.23 -17.63 32.51
N TYR B 113 -10.32 -16.34 32.87
CA TYR B 113 -11.20 -15.94 33.97
C TYR B 113 -12.60 -15.59 33.44
N GLN B 114 -13.50 -15.24 34.36
CA GLN B 114 -14.84 -14.76 34.02
C GLN B 114 -14.75 -13.53 33.14
N THR B 115 -15.62 -13.46 32.15
CA THR B 115 -15.55 -12.43 31.12
C THR B 115 -16.86 -11.71 30.91
N LEU B 116 -16.76 -10.51 30.34
CA LEU B 116 -17.87 -9.90 29.63
C LEU B 116 -17.59 -10.02 28.15
N ALA B 117 -18.65 -10.08 27.34
CA ALA B 117 -18.53 -10.39 25.92
C ALA B 117 -19.34 -9.45 25.04
N GLU B 118 -18.85 -9.23 23.82
CA GLU B 118 -19.54 -8.39 22.84
C GLU B 118 -19.55 -9.13 21.52
N SER B 119 -20.75 -9.40 21.00
CA SER B 119 -20.88 -9.95 19.68
C SER B 119 -21.11 -8.82 18.69
N TYR B 120 -20.61 -9.00 17.48
CA TYR B 120 -20.69 -7.97 16.45
C TYR B 120 -20.75 -8.60 15.07
N GLN B 121 -21.26 -7.83 14.11
CA GLN B 121 -21.52 -8.35 12.77
C GLN B 121 -20.32 -8.24 11.85
N LEU B 122 -20.11 -9.30 11.07
CA LEU B 122 -19.11 -9.32 10.02
C LEU B 122 -19.83 -9.19 8.69
N GLU B 123 -19.09 -9.26 7.58
CA GLU B 123 -19.72 -9.30 6.26
C GLU B 123 -20.45 -10.63 6.08
N TYR B 124 -19.89 -11.68 6.67
CA TYR B 124 -20.52 -13.00 6.72
C TYR B 124 -20.52 -13.54 8.15
N GLY B 125 -21.70 -13.51 8.78
CA GLY B 125 -21.85 -14.03 10.13
C GLY B 125 -21.48 -13.05 11.23
N THR B 126 -21.14 -13.60 12.40
CA THR B 126 -20.83 -12.79 13.57
C THR B 126 -19.55 -13.28 14.26
N ASP B 127 -18.94 -12.40 15.04
CA ASP B 127 -17.80 -12.74 15.88
C ASP B 127 -18.09 -12.26 17.30
N THR B 128 -17.31 -12.73 18.26
CA THR B 128 -17.49 -12.32 19.66
C THR B 128 -16.12 -12.14 20.29
N ILE B 129 -15.93 -11.02 20.98
CA ILE B 129 -14.72 -10.76 21.74
C ILE B 129 -15.08 -10.62 23.22
N GLU B 130 -14.07 -10.79 24.06
CA GLU B 130 -14.27 -10.88 25.49
C GLU B 130 -13.13 -10.22 26.24
N HIS B 132 -11.76 -9.88 30.61
CA HIS B 132 -11.99 -10.25 32.02
C HIS B 132 -12.88 -9.24 32.74
N ILE B 133 -13.74 -9.74 33.63
CA ILE B 133 -14.70 -8.87 34.33
C ILE B 133 -14.04 -7.90 35.32
N ASP B 134 -12.79 -8.18 35.67
CA ASP B 134 -12.04 -7.33 36.60
C ASP B 134 -10.94 -6.52 35.92
N ALA B 135 -10.98 -6.45 34.59
CA ALA B 135 -9.91 -5.80 33.81
C ALA B 135 -9.98 -4.27 33.93
N ILE B 136 -11.20 -3.73 33.85
CA ILE B 136 -11.44 -2.29 33.72
C ILE B 136 -12.45 -1.90 34.78
N GLU B 137 -12.24 -0.73 35.39
CA GLU B 137 -13.13 -0.19 36.43
C GLU B 137 -13.63 1.19 36.03
N PRO B 138 -14.76 1.64 36.62
CA PRO B 138 -15.16 3.02 36.36
C PRO B 138 -14.06 3.96 36.75
N GLY B 139 -13.87 4.97 35.91
CA GLY B 139 -12.83 5.94 36.15
C GLY B 139 -11.60 5.68 35.30
N ASP B 140 -11.39 4.44 34.88
CA ASP B 140 -10.23 4.11 34.05
C ASP B 140 -10.24 4.92 32.77
N ARG B 141 -9.05 5.36 32.38
CA ARG B 141 -8.83 6.08 31.13
C ARG B 141 -8.03 5.12 30.26
N VAL B 142 -8.66 4.71 29.16
CA VAL B 142 -8.20 3.53 28.42
C VAL B 142 -7.73 3.89 27.01
N LEU B 143 -6.57 3.35 26.62
CA LEU B 143 -6.11 3.43 25.24
C LEU B 143 -6.33 2.06 24.61
N ILE B 144 -6.93 2.00 23.43
CA ILE B 144 -7.13 0.72 22.76
C ILE B 144 -6.17 0.62 21.60
N HIS B 145 -5.46 -0.50 21.53
CA HIS B 145 -4.45 -0.74 20.50
C HIS B 145 -4.69 -2.03 19.73
N ASP B 146 -4.43 -1.97 18.44
CA ASP B 146 -4.23 -3.17 17.64
C ASP B 146 -3.17 -2.79 16.61
N ASP B 147 -2.48 -3.78 16.03
CA ASP B 147 -1.51 -3.46 15.01
C ASP B 147 -2.16 -2.87 13.75
N VAL B 148 -3.31 -3.44 13.36
CA VAL B 148 -4.02 -3.04 12.13
C VAL B 148 -5.49 -2.78 12.44
N ILE B 149 -6.01 -1.69 11.89
CA ILE B 149 -7.46 -1.55 11.78
C ILE B 149 -7.84 -1.77 10.33
N ALA B 150 -8.79 -2.68 10.13
CA ALA B 150 -9.30 -3.04 8.81
C ALA B 150 -10.76 -2.57 8.69
N THR B 151 -11.73 -3.46 8.88
CA THR B 151 -13.13 -3.02 8.84
C THR B 151 -13.52 -2.18 10.06
N GLY B 152 -12.74 -2.29 11.14
CA GLY B 152 -13.07 -1.59 12.38
C GLY B 152 -14.09 -2.33 13.25
N GLY B 153 -14.59 -3.47 12.78
CA GLY B 153 -15.58 -4.25 13.55
C GLY B 153 -15.08 -4.62 14.94
N THR B 154 -13.86 -5.14 15.00
CA THR B 154 -13.28 -5.54 16.28
C THR B 154 -13.03 -4.37 17.25
N ALA B 155 -12.46 -3.27 16.74
CA ALA B 155 -12.18 -2.13 17.63
C ALA B 155 -13.51 -1.50 18.09
N GLU B 156 -14.53 -1.51 17.23
CA GLU B 156 -15.85 -0.96 17.62
C GLU B 156 -16.40 -1.75 18.81
N ALA B 157 -16.30 -3.08 18.72
CA ALA B 157 -16.82 -3.96 19.76
C ALA B 157 -15.99 -3.82 21.01
N THR B 158 -14.69 -3.63 20.83
CA THR B 158 -13.81 -3.39 21.97
C THR B 158 -14.15 -2.10 22.72
N ILE B 159 -14.44 -1.03 21.99
CA ILE B 159 -14.90 0.20 22.63
C ILE B 159 -16.15 -0.07 23.48
N ARG B 160 -17.09 -0.85 22.94
CA ARG B 160 -18.30 -1.20 23.69
C ARG B 160 -17.97 -1.95 24.97
N LEU B 161 -17.05 -2.91 24.90
CA LEU B 161 -16.64 -3.66 26.12
C LEU B 161 -16.09 -2.76 27.18
N VAL B 162 -15.16 -1.90 26.78
CA VAL B 162 -14.47 -1.03 27.71
C VAL B 162 -15.49 -0.09 28.38
N GLU B 163 -16.41 0.45 27.58
CA GLU B 163 -17.41 1.37 28.09
C GLU B 163 -18.38 0.69 29.02
N ARG B 164 -18.73 -0.56 28.74
CA ARG B 164 -19.67 -1.31 29.59
C ARG B 164 -19.04 -1.61 30.96
N ALA B 165 -17.72 -1.76 30.99
CA ALA B 165 -16.96 -1.92 32.24
C ALA B 165 -16.80 -0.63 33.02
N GLY B 166 -17.13 0.50 32.38
CA GLY B 166 -17.05 1.80 33.04
C GLY B 166 -15.83 2.61 32.65
N GLY B 167 -15.00 2.09 31.75
CA GLY B 167 -13.84 2.84 31.28
C GLY B 167 -14.22 3.94 30.28
N GLU B 168 -13.39 4.96 30.21
CA GLU B 168 -13.48 5.97 29.16
C GLU B 168 -12.38 5.70 28.14
N VAL B 169 -12.74 5.62 26.88
CA VAL B 169 -11.77 5.40 25.82
C VAL B 169 -11.17 6.75 25.42
N VAL B 170 -9.95 7.00 25.91
CA VAL B 170 -9.21 8.22 25.58
C VAL B 170 -8.87 8.24 24.08
N GLY B 171 -8.64 7.06 23.53
CA GLY B 171 -8.41 6.96 22.11
C GLY B 171 -8.07 5.56 21.67
N CYS B 172 -8.00 5.38 20.36
CA CYS B 172 -7.44 4.18 19.77
C CYS B 172 -6.12 4.55 19.08
N ALA B 173 -5.17 3.63 19.13
CA ALA B 173 -3.88 3.82 18.45
C ALA B 173 -3.59 2.56 17.66
N PHE B 174 -3.55 2.70 16.35
CA PHE B 174 -3.22 1.58 15.45
C PHE B 174 -1.93 1.89 14.70
N LEU B 175 -1.09 0.89 14.47
CA LEU B 175 0.09 1.11 13.64
C LEU B 175 -0.28 1.36 12.18
N ILE B 176 -1.23 0.57 11.69
CA ILE B 176 -1.64 0.56 10.28
C ILE B 176 -3.14 0.73 10.18
N GLU B 177 -3.54 1.67 9.32
CA GLU B 177 -4.93 1.84 8.91
C GLU B 177 -5.02 1.43 7.45
N LEU B 178 -5.89 0.45 7.17
CA LEU B 178 -6.19 0.08 5.78
C LEU B 178 -7.31 1.00 5.33
N THR B 179 -6.92 2.15 4.79
CA THR B 179 -7.87 3.23 4.49
C THR B 179 -8.94 2.83 3.49
N GLY B 180 -8.61 1.90 2.60
CA GLY B 180 -9.58 1.38 1.61
C GLY B 180 -10.80 0.75 2.23
N LEU B 181 -10.63 0.21 3.43
CA LEU B 181 -11.73 -0.48 4.12
C LEU B 181 -12.57 0.45 5.00
N GLN B 182 -12.13 1.69 5.17
CA GLN B 182 -12.90 2.75 5.84
C GLN B 182 -13.33 2.37 7.26
N GLY B 183 -12.46 1.65 7.97
CA GLY B 183 -12.71 1.27 9.36
C GLY B 183 -13.00 2.42 10.29
N ARG B 184 -12.37 3.57 10.06
CA ARG B 184 -12.67 4.76 10.85
C ARG B 184 -14.16 5.06 10.94
N LYS B 185 -14.85 4.91 9.81
CA LYS B 185 -16.28 5.22 9.72
C LYS B 185 -17.14 4.32 10.60
N ARG B 186 -16.64 3.12 10.88
CA ARG B 186 -17.36 2.17 11.71
C ARG B 186 -17.24 2.48 13.19
N LEU B 187 -16.19 3.22 13.57
CA LEU B 187 -15.98 3.56 14.97
C LEU B 187 -16.84 4.75 15.36
N PRO B 188 -17.31 4.79 16.63
CA PRO B 188 -18.17 5.88 17.06
C PRO B 188 -17.42 7.20 17.13
N ALA B 189 -18.12 8.27 16.78
CA ALA B 189 -17.49 9.56 16.57
C ALA B 189 -16.85 10.21 17.81
N HIS B 190 -17.21 9.77 19.01
CA HIS B 190 -16.65 10.38 20.22
C HIS B 190 -15.26 9.85 20.63
N VAL B 191 -14.74 8.86 19.92
CA VAL B 191 -13.45 8.27 20.29
C VAL B 191 -12.35 8.72 19.32
N PRO B 192 -11.34 9.44 19.82
CA PRO B 192 -10.25 9.83 18.93
C PRO B 192 -9.51 8.60 18.40
N VAL B 193 -9.16 8.64 17.12
CA VAL B 193 -8.47 7.53 16.45
C VAL B 193 -7.19 8.03 15.83
N HIS B 194 -6.08 7.43 16.25
CA HIS B 194 -4.74 7.74 15.75
C HIS B 194 -4.18 6.53 15.01
N THR B 195 -3.74 6.75 13.78
CA THR B 195 -3.05 5.71 13.03
C THR B 195 -1.70 6.25 12.56
N VAL B 196 -0.69 5.40 12.61
CA VAL B 196 0.66 5.84 12.27
C VAL B 196 0.86 5.80 10.74
N LEU B 197 0.47 4.67 10.13
CA LEU B 197 0.63 4.45 8.70
C LEU B 197 -0.72 4.26 8.05
N GLN B 198 -0.88 4.81 6.85
CA GLN B 198 -2.08 4.60 6.05
C GLN B 198 -1.66 3.82 4.81
N LEU B 199 -2.19 2.59 4.69
CA LEU B 199 -1.80 1.63 3.64
C LEU B 199 -3.02 1.14 2.90
N ASN C 24 3.08 -14.95 -30.26
CA ASN C 24 3.67 -15.09 -31.62
C ASN C 24 5.11 -14.58 -31.71
N ALA C 25 5.97 -15.39 -32.33
CA ALA C 25 7.42 -15.13 -32.37
C ALA C 25 7.79 -13.93 -33.24
N THR C 26 7.19 -13.85 -34.44
CA THR C 26 7.48 -12.76 -35.36
C THR C 26 6.87 -11.44 -34.90
N ALA C 27 5.72 -11.52 -34.21
CA ALA C 27 5.05 -10.34 -33.65
C ALA C 27 5.88 -9.69 -32.55
N LEU C 28 6.39 -10.51 -31.62
CA LEU C 28 7.23 -10.02 -30.54
C LEU C 28 8.55 -9.48 -31.08
N GLU C 29 9.09 -10.12 -32.10
CA GLU C 29 10.31 -9.64 -32.74
C GLU C 29 10.09 -8.28 -33.41
N THR C 30 8.97 -8.14 -34.11
CA THR C 30 8.59 -6.88 -34.72
C THR C 30 8.53 -5.72 -33.69
N LEU C 31 7.92 -5.97 -32.54
CA LEU C 31 7.87 -4.95 -31.49
C LEU C 31 9.24 -4.62 -30.95
N LYS C 32 10.03 -5.67 -30.67
CA LYS C 32 11.37 -5.50 -30.13
C LYS C 32 12.22 -4.63 -31.06
N GLN C 33 12.18 -4.92 -32.36
CA GLN C 33 12.98 -4.21 -33.34
C GLN C 33 12.59 -2.75 -33.53
N ALA C 34 11.36 -2.43 -33.14
CA ALA C 34 10.82 -1.09 -33.35
C ALA C 34 11.32 -0.13 -32.29
N ILE C 35 11.68 -0.66 -31.13
CA ILE C 35 12.11 0.19 -30.02
C ILE C 35 13.44 0.84 -30.34
N ARG C 36 13.56 2.15 -30.15
CA ARG C 36 14.88 2.76 -30.30
C ARG C 36 15.41 3.43 -29.05
N THR C 37 16.73 3.49 -28.95
CA THR C 37 17.39 4.02 -27.77
C THR C 37 17.98 5.38 -28.09
N VAL C 38 17.68 6.33 -27.21
CA VAL C 38 18.21 7.67 -27.32
C VAL C 38 19.11 7.97 -26.12
N PRO C 39 20.42 8.15 -26.37
CA PRO C 39 21.36 8.50 -25.29
C PRO C 39 21.07 9.89 -24.68
N ASP C 40 21.18 9.95 -23.34
CA ASP C 40 21.13 11.20 -22.56
C ASP C 40 19.80 11.96 -22.67
N PHE C 41 18.70 11.21 -22.71
CA PHE C 41 17.37 11.78 -22.57
C PHE C 41 16.67 11.02 -21.43
N PRO C 42 15.98 11.75 -20.52
CA PRO C 42 15.84 13.22 -20.45
C PRO C 42 17.03 13.90 -19.78
N GLU C 43 17.87 13.10 -19.13
CA GLU C 43 19.05 13.57 -18.43
C GLU C 43 20.26 12.78 -18.88
N PRO C 44 21.47 13.38 -18.83
CA PRO C 44 22.70 12.62 -19.10
C PRO C 44 22.78 11.35 -18.25
N GLY C 45 23.22 10.25 -18.86
CA GLY C 45 23.31 8.97 -18.17
C GLY C 45 22.17 8.02 -18.45
N ILE C 46 21.02 8.55 -18.85
CA ILE C 46 19.86 7.71 -19.15
C ILE C 46 19.90 7.26 -20.62
N GLN C 47 19.85 5.95 -20.81
CA GLN C 47 19.68 5.35 -22.12
C GLN C 47 18.19 5.17 -22.36
N PHE C 48 17.59 6.17 -22.99
CA PHE C 48 16.13 6.21 -23.11
C PHE C 48 15.53 5.24 -24.13
N LYS C 49 14.55 4.45 -23.69
CA LYS C 49 13.79 3.60 -24.60
C LYS C 49 12.60 4.34 -25.12
N ASP C 50 12.64 4.63 -26.41
CA ASP C 50 11.63 5.42 -27.11
C ASP C 50 10.66 4.51 -27.87
N ILE C 51 9.40 4.44 -27.41
CA ILE C 51 8.40 3.58 -28.05
C ILE C 51 7.59 4.26 -29.15
N THR C 52 7.94 5.51 -29.50
CA THR C 52 7.16 6.19 -30.55
C THR C 52 7.10 5.46 -31.89
N PRO C 53 8.14 4.67 -32.28
CA PRO C 53 7.92 3.93 -33.53
C PRO C 53 6.82 2.88 -33.45
N VAL C 54 6.58 2.34 -32.27
CA VAL C 54 5.46 1.43 -32.07
C VAL C 54 4.15 2.21 -32.14
N LEU C 55 4.10 3.35 -31.47
CA LEU C 55 2.90 4.15 -31.38
C LEU C 55 2.39 4.62 -32.74
N GLY C 56 3.33 4.94 -33.62
CA GLY C 56 3.05 5.61 -34.88
C GLY C 56 2.59 4.68 -35.98
N HIS C 57 2.81 3.37 -35.80
CA HIS C 57 2.41 2.38 -36.81
C HIS C 57 1.23 1.56 -36.31
N PRO C 58 0.07 1.66 -36.99
CA PRO C 58 -1.16 1.09 -36.44
C PRO C 58 -1.08 -0.42 -36.20
N GLU C 59 -0.31 -1.13 -37.03
CA GLU C 59 -0.13 -2.57 -36.86
C GLU C 59 0.66 -2.91 -35.58
N LEU C 60 1.69 -2.11 -35.30
CA LEU C 60 2.52 -2.33 -34.11
C LEU C 60 1.77 -1.94 -32.86
N LEU C 61 1.06 -0.82 -32.95
CA LEU C 61 0.23 -0.36 -31.85
C LEU C 61 -0.77 -1.44 -31.41
N ARG C 62 -1.45 -2.07 -32.38
CA ARG C 62 -2.44 -3.10 -32.08
C ARG C 62 -1.79 -4.32 -31.43
N LEU C 63 -0.63 -4.70 -31.94
CA LEU C 63 0.19 -5.80 -31.40
C LEU C 63 0.59 -5.50 -29.95
N ALA C 64 0.99 -4.26 -29.68
CA ALA C 64 1.37 -3.85 -28.34
C ALA C 64 0.20 -3.96 -27.36
N ILE C 65 -0.98 -3.47 -27.78
CA ILE C 65 -2.14 -3.47 -26.89
C ILE C 65 -2.56 -4.92 -26.59
N GLU C 66 -2.60 -5.75 -27.63
CA GLU C 66 -2.91 -7.18 -27.49
C GLU C 66 -1.97 -7.90 -26.53
N ALA C 67 -0.67 -7.62 -26.65
CA ALA C 67 0.33 -8.26 -25.80
C ALA C 67 0.23 -7.80 -24.35
N LEU C 68 -0.07 -6.52 -24.15
CA LEU C 68 -0.22 -5.99 -22.79
C LEU C 68 -1.40 -6.62 -22.06
N LEU C 69 -2.47 -6.89 -22.81
CA LEU C 69 -3.72 -7.37 -22.23
C LEU C 69 -3.84 -8.89 -22.12
N GLU C 70 -3.02 -9.61 -22.87
CA GLU C 70 -3.15 -11.07 -22.99
C GLU C 70 -3.27 -11.84 -21.66
N PRO C 71 -2.42 -11.54 -20.66
CA PRO C 71 -2.52 -12.35 -19.43
C PRO C 71 -3.71 -11.98 -18.55
N PHE C 72 -4.41 -10.91 -18.87
CA PHE C 72 -5.45 -10.39 -17.97
C PHE C 72 -6.87 -10.55 -18.50
N GLN C 73 -7.03 -11.23 -19.64
CA GLN C 73 -8.28 -11.22 -20.40
C GLN C 73 -9.52 -11.76 -19.67
N GLU C 74 -9.31 -12.44 -18.55
CA GLU C 74 -10.43 -12.87 -17.69
C GLU C 74 -10.27 -12.36 -16.26
N GLN C 75 -10.24 -11.03 -16.08
CA GLN C 75 -9.93 -10.43 -14.77
C GLN C 75 -10.84 -9.30 -14.23
N GLU C 76 -11.90 -8.95 -14.95
CA GLU C 76 -12.90 -7.96 -14.47
C GLU C 76 -12.31 -6.59 -14.06
N ILE C 77 -11.45 -6.05 -14.91
CA ILE C 77 -10.73 -4.81 -14.61
C ILE C 77 -11.70 -3.65 -14.78
N THR C 78 -11.79 -2.79 -13.76
CA THR C 78 -12.67 -1.62 -13.80
C THR C 78 -11.93 -0.28 -13.98
N LYS C 79 -10.63 -0.26 -13.70
CA LYS C 79 -9.82 0.95 -13.83
C LYS C 79 -8.45 0.59 -14.36
N VAL C 80 -7.91 1.43 -15.27
CA VAL C 80 -6.51 1.36 -15.67
C VAL C 80 -5.82 2.64 -15.22
N VAL C 81 -4.71 2.49 -14.51
CA VAL C 81 -3.88 3.60 -14.13
C VAL C 81 -2.74 3.71 -15.12
N GLY C 82 -2.54 4.92 -15.64
CA GLY C 82 -1.37 5.20 -16.48
C GLY C 82 -0.40 6.06 -15.69
N ILE C 83 0.85 5.59 -15.59
CA ILE C 83 1.88 6.31 -14.84
C ILE C 83 2.56 7.40 -15.68
N GLU C 84 2.20 8.64 -15.41
CA GLU C 84 2.79 9.84 -16.02
C GLU C 84 2.56 9.92 -17.54
N SER C 85 3.02 11.02 -18.14
N SER C 85 3.02 11.01 -18.15
CA SER C 85 2.68 11.36 -19.52
CA SER C 85 2.64 11.34 -19.51
C SER C 85 2.86 10.18 -20.46
C SER C 85 2.88 10.20 -20.49
N ARG C 86 4.04 9.56 -20.41
CA ARG C 86 4.33 8.48 -21.31
C ARG C 86 3.53 7.20 -21.03
N GLY C 87 3.06 7.03 -19.80
CA GLY C 87 2.15 5.92 -19.47
C GLY C 87 0.72 6.20 -19.83
N PHE C 88 0.38 7.46 -20.10
CA PHE C 88 -1.00 7.80 -20.48
C PHE C 88 -1.33 7.28 -21.88
N ILE C 89 -0.32 7.13 -22.73
CA ILE C 89 -0.58 6.81 -24.14
C ILE C 89 -1.19 5.42 -24.37
N LEU C 90 -0.46 4.36 -24.02
CA LEU C 90 -1.07 3.04 -24.09
C LEU C 90 -2.07 2.84 -22.95
N GLY C 91 -1.87 3.51 -21.84
CA GLY C 91 -2.76 3.37 -20.68
C GLY C 91 -4.20 3.71 -20.98
N GLY C 92 -4.43 4.86 -21.62
CA GLY C 92 -5.77 5.18 -22.08
C GLY C 92 -6.35 4.16 -23.03
N LEU C 94 -5.69 1.03 -23.20
CA LEU C 94 -6.05 -0.16 -22.43
C LEU C 94 -7.40 0.04 -21.76
N ALA C 95 -7.64 1.21 -21.18
CA ALA C 95 -8.91 1.50 -20.51
C ALA C 95 -10.04 1.42 -21.51
N HIS C 96 -9.87 2.08 -22.66
CA HIS C 96 -10.90 2.04 -23.73
C HIS C 96 -11.18 0.62 -24.18
N HIS C 97 -10.12 -0.17 -24.41
CA HIS C 97 -10.26 -1.54 -24.88
C HIS C 97 -11.03 -2.41 -23.87
N LEU C 98 -10.81 -2.17 -22.59
CA LEU C 98 -11.42 -2.96 -21.53
C LEU C 98 -12.77 -2.42 -21.07
N ASP C 99 -13.24 -1.35 -21.69
CA ASP C 99 -14.36 -0.56 -21.16
C ASP C 99 -14.23 -0.25 -19.67
N ALA C 100 -13.03 0.16 -19.28
CA ALA C 100 -12.71 0.52 -17.90
C ALA C 100 -12.57 2.02 -17.82
N GLY C 101 -12.53 2.57 -16.60
CA GLY C 101 -12.15 3.97 -16.40
C GLY C 101 -10.65 4.12 -16.50
N PHE C 102 -10.19 5.33 -16.80
CA PHE C 102 -8.77 5.63 -16.85
C PHE C 102 -8.44 6.60 -15.75
N VAL C 103 -7.31 6.38 -15.06
CA VAL C 103 -6.83 7.24 -13.97
C VAL C 103 -5.37 7.62 -14.22
N PRO C 104 -5.06 8.93 -14.28
CA PRO C 104 -3.67 9.37 -14.37
C PRO C 104 -3.01 9.42 -12.99
N VAL C 105 -1.83 8.84 -12.88
CA VAL C 105 -0.96 9.11 -11.75
C VAL C 105 0.18 9.99 -12.25
N ARG C 106 0.55 10.99 -11.44
CA ARG C 106 1.48 12.04 -11.88
C ARG C 106 2.51 12.41 -10.85
N LYS C 107 3.60 13.00 -11.34
CA LYS C 107 4.55 13.66 -10.45
C LYS C 107 3.86 14.75 -9.64
N LYS C 108 4.41 15.01 -8.46
CA LYS C 108 3.86 15.99 -7.52
C LYS C 108 3.57 17.31 -8.20
N GLY C 109 2.38 17.85 -7.93
CA GLY C 109 2.00 19.19 -8.37
C GLY C 109 1.33 19.27 -9.74
N LYS C 110 1.27 18.16 -10.47
CA LYS C 110 0.79 18.16 -11.86
C LYS C 110 -0.72 17.92 -11.95
N LEU C 111 -1.31 17.26 -10.95
CA LEU C 111 -2.77 17.03 -10.94
C LEU C 111 -3.46 18.21 -10.28
N PRO C 112 -4.63 18.61 -10.81
CA PRO C 112 -5.32 19.81 -10.35
C PRO C 112 -6.14 19.65 -9.06
N TYR C 113 -6.76 18.49 -8.87
CA TYR C 113 -7.66 18.26 -7.74
C TYR C 113 -6.92 17.73 -6.50
N GLN C 114 -7.63 17.65 -5.38
CA GLN C 114 -7.06 17.08 -4.16
CA GLN C 114 -7.08 17.06 -4.15
C GLN C 114 -6.49 15.68 -4.43
N THR C 115 -5.32 15.43 -3.86
CA THR C 115 -4.58 14.20 -4.10
C THR C 115 -4.18 13.42 -2.85
N LEU C 116 -3.97 12.13 -3.06
CA LEU C 116 -3.16 11.30 -2.18
C LEU C 116 -1.74 11.31 -2.76
N ALA C 117 -0.73 11.26 -1.89
CA ALA C 117 0.67 11.27 -2.35
C ALA C 117 1.49 10.14 -1.74
N GLU C 118 2.47 9.65 -2.49
CA GLU C 118 3.44 8.66 -2.00
C GLU C 118 4.83 9.14 -2.36
N SER C 119 5.68 9.27 -1.35
CA SER C 119 7.09 9.60 -1.52
C SER C 119 7.94 8.35 -1.46
N TYR C 120 9.03 8.32 -2.23
CA TYR C 120 9.86 7.14 -2.32
C TYR C 120 11.28 7.51 -2.67
N GLN C 121 12.19 6.59 -2.42
CA GLN C 121 13.61 6.86 -2.54
C GLN C 121 14.10 6.61 -3.96
N LEU C 122 15.01 7.47 -4.38
CA LEU C 122 15.73 7.32 -5.64
C LEU C 122 17.16 6.98 -5.31
N GLU C 123 17.98 6.69 -6.32
CA GLU C 123 19.41 6.50 -6.11
C GLU C 123 19.99 7.78 -5.50
N TYR C 124 19.50 8.92 -5.99
CA TYR C 124 19.83 10.22 -5.43
C TYR C 124 18.57 11.00 -5.11
N GLY C 125 18.28 11.14 -3.82
CA GLY C 125 17.15 11.92 -3.37
C GLY C 125 15.85 11.14 -3.33
N THR C 126 14.75 11.88 -3.24
CA THR C 126 13.42 11.29 -3.16
C THR C 126 12.51 11.85 -4.26
N ASP C 127 11.43 11.14 -4.53
CA ASP C 127 10.45 11.55 -5.53
C ASP C 127 9.06 11.38 -4.92
N THR C 128 8.07 12.08 -5.47
CA THR C 128 6.68 11.99 -5.00
C THR C 128 5.73 11.88 -6.18
N ILE C 129 4.82 10.92 -6.11
CA ILE C 129 3.76 10.77 -7.09
C ILE C 129 2.42 10.92 -6.41
N GLU C 130 1.40 11.24 -7.19
CA GLU C 130 0.08 11.63 -6.67
C GLU C 130 -1.04 11.05 -7.53
N HIS C 132 -5.60 11.57 -7.80
CA HIS C 132 -6.76 12.24 -7.23
C HIS C 132 -7.43 11.39 -6.16
N ILE C 133 -7.94 12.07 -5.12
CA ILE C 133 -8.60 11.39 -4.00
C ILE C 133 -9.86 10.63 -4.40
N ASP C 134 -10.47 11.02 -5.51
CA ASP C 134 -11.68 10.34 -5.99
C ASP C 134 -11.46 9.48 -7.22
N ALA C 135 -10.20 9.16 -7.52
CA ALA C 135 -9.86 8.43 -8.73
C ALA C 135 -10.31 6.97 -8.65
N ILE C 136 -10.10 6.37 -7.49
CA ILE C 136 -10.32 4.96 -7.26
C ILE C 136 -11.28 4.82 -6.08
N GLU C 137 -12.24 3.91 -6.21
CA GLU C 137 -13.19 3.60 -5.13
C GLU C 137 -12.94 2.20 -4.59
N PRO C 138 -13.27 1.96 -3.31
CA PRO C 138 -13.08 0.63 -2.75
C PRO C 138 -13.76 -0.41 -3.62
N GLY C 139 -13.05 -1.49 -3.92
CA GLY C 139 -13.63 -2.57 -4.71
C GLY C 139 -13.21 -2.51 -6.17
N ASP C 140 -12.68 -1.37 -6.61
CA ASP C 140 -12.16 -1.29 -7.97
C ASP C 140 -11.12 -2.36 -8.20
N ARG C 141 -11.09 -2.91 -9.42
CA ARG C 141 -10.08 -3.86 -9.84
C ARG C 141 -9.22 -3.15 -10.88
N VAL C 142 -7.94 -2.97 -10.55
CA VAL C 142 -7.09 -1.98 -11.23
C VAL C 142 -5.90 -2.64 -11.93
N LEU C 143 -5.70 -2.26 -13.18
CA LEU C 143 -4.50 -2.61 -13.93
C LEU C 143 -3.58 -1.38 -13.96
N ILE C 144 -2.31 -1.54 -13.59
CA ILE C 144 -1.37 -0.41 -13.58
C ILE C 144 -0.47 -0.54 -14.80
N HIS C 145 -0.32 0.55 -15.57
CA HIS C 145 0.50 0.54 -16.79
C HIS C 145 1.52 1.64 -16.82
N ASP C 146 2.71 1.31 -17.33
CA ASP C 146 3.67 2.31 -17.74
C ASP C 146 4.38 1.75 -18.98
N ASP C 147 4.92 2.60 -19.83
CA ASP C 147 5.65 2.06 -20.97
C ASP C 147 6.86 1.23 -20.56
N VAL C 148 7.62 1.75 -19.57
CA VAL C 148 8.87 1.13 -19.13
C VAL C 148 8.84 0.95 -17.61
N ILE C 149 9.30 -0.21 -17.13
CA ILE C 149 9.71 -0.34 -15.72
C ILE C 149 11.23 -0.40 -15.70
N ALA C 150 11.84 0.47 -14.90
CA ALA C 150 13.28 0.55 -14.73
C ALA C 150 13.60 0.03 -13.32
N THR C 151 13.74 0.94 -12.35
CA THR C 151 14.00 0.52 -10.96
C THR C 151 12.75 -0.04 -10.29
N GLY C 152 11.59 0.27 -10.84
CA GLY C 152 10.34 -0.10 -10.21
C GLY C 152 9.90 0.78 -9.06
N GLY C 153 10.66 1.81 -8.73
CA GLY C 153 10.29 2.70 -7.61
C GLY C 153 8.93 3.35 -7.82
N THR C 154 8.69 3.83 -9.04
CA THR C 154 7.45 4.54 -9.35
C THR C 154 6.24 3.60 -9.32
N ALA C 155 6.38 2.42 -9.91
CA ALA C 155 5.27 1.46 -9.90
C ALA C 155 4.99 0.97 -8.47
N GLU C 156 6.03 0.77 -7.66
CA GLU C 156 5.80 0.39 -6.28
C GLU C 156 4.94 1.43 -5.56
N ALA C 157 5.29 2.71 -5.71
CA ALA C 157 4.54 3.78 -5.07
C ALA C 157 3.12 3.88 -5.61
N THR C 158 2.97 3.62 -6.91
CA THR C 158 1.65 3.61 -7.54
C THR C 158 0.75 2.51 -6.97
N ILE C 159 1.31 1.31 -6.78
CA ILE C 159 0.56 0.25 -6.12
C ILE C 159 0.05 0.74 -4.76
N ARG C 160 0.91 1.42 -4.01
CA ARG C 160 0.51 1.90 -2.68
C ARG C 160 -0.66 2.90 -2.76
N LEU C 161 -0.61 3.79 -3.75
CA LEU C 161 -1.68 4.77 -3.93
C LEU C 161 -3.01 4.06 -4.19
N VAL C 162 -2.98 3.13 -5.13
CA VAL C 162 -4.17 2.41 -5.51
C VAL C 162 -4.78 1.65 -4.33
N GLU C 163 -3.92 0.97 -3.58
CA GLU C 163 -4.39 0.20 -2.43
C GLU C 163 -4.94 1.08 -1.30
N ARG C 164 -4.32 2.23 -1.09
CA ARG C 164 -4.83 3.19 -0.09
C ARG C 164 -6.24 3.64 -0.41
N ALA C 165 -6.57 3.70 -1.70
CA ALA C 165 -7.90 4.14 -2.12
C ALA C 165 -8.90 3.01 -2.12
N GLY C 166 -8.46 1.79 -1.80
CA GLY C 166 -9.35 0.65 -1.81
C GLY C 166 -9.38 -0.15 -3.09
N GLY C 167 -8.48 0.16 -4.03
CA GLY C 167 -8.39 -0.64 -5.24
C GLY C 167 -7.62 -1.92 -5.00
N GLU C 168 -8.02 -2.99 -5.70
CA GLU C 168 -7.26 -4.21 -5.73
C GLU C 168 -6.46 -4.22 -7.01
N VAL C 169 -5.14 -4.37 -6.91
CA VAL C 169 -4.28 -4.37 -8.08
C VAL C 169 -4.27 -5.75 -8.73
N VAL C 170 -4.93 -5.85 -9.86
CA VAL C 170 -5.02 -7.10 -10.61
C VAL C 170 -3.62 -7.44 -11.15
N GLY C 171 -2.89 -6.39 -11.52
CA GLY C 171 -1.50 -6.56 -11.96
C GLY C 171 -0.93 -5.29 -12.55
N CYS C 172 0.34 -5.36 -12.92
CA CYS C 172 0.99 -4.32 -13.68
C CYS C 172 1.29 -4.86 -15.08
N ALA C 173 1.14 -3.99 -16.07
CA ALA C 173 1.46 -4.34 -17.44
C ALA C 173 2.35 -3.27 -18.04
N PHE C 174 3.61 -3.64 -18.29
CA PHE C 174 4.59 -2.76 -18.89
C PHE C 174 4.95 -3.23 -20.30
N LEU C 175 5.17 -2.30 -21.21
CA LEU C 175 5.62 -2.73 -22.55
C LEU C 175 7.05 -3.25 -22.48
N ILE C 176 7.88 -2.53 -21.71
CA ILE C 176 9.30 -2.83 -21.60
C ILE C 176 9.75 -2.98 -20.16
N GLU C 177 10.54 -4.03 -19.90
CA GLU C 177 11.30 -4.18 -18.66
C GLU C 177 12.79 -3.95 -18.97
N LEU C 178 13.47 -3.12 -18.20
CA LEU C 178 14.94 -3.05 -18.28
C LEU C 178 15.45 -4.16 -17.37
N THR C 179 15.63 -5.34 -17.97
CA THR C 179 15.91 -6.58 -17.26
CA THR C 179 15.89 -6.57 -17.21
C THR C 179 17.05 -6.46 -16.24
N GLY C 180 18.13 -5.81 -16.67
CA GLY C 180 19.33 -5.68 -15.85
C GLY C 180 19.05 -5.05 -14.50
N LEU C 181 18.12 -4.11 -14.48
CA LEU C 181 17.82 -3.36 -13.28
C LEU C 181 16.98 -4.13 -12.25
N GLN C 182 16.35 -5.20 -12.69
CA GLN C 182 15.55 -6.09 -11.83
C GLN C 182 14.50 -5.33 -11.03
N GLY C 183 13.85 -4.37 -11.68
CA GLY C 183 12.80 -3.54 -11.07
C GLY C 183 11.67 -4.36 -10.48
N ARG C 184 11.43 -5.53 -11.07
CA ARG C 184 10.45 -6.52 -10.54
C ARG C 184 10.64 -6.82 -9.06
N LYS C 185 11.90 -6.81 -8.62
CA LYS C 185 12.21 -7.19 -7.23
C LYS C 185 11.77 -6.12 -6.24
N ARG C 186 11.63 -4.89 -6.72
CA ARG C 186 11.20 -3.79 -5.87
C ARG C 186 9.68 -3.80 -5.62
N LEU C 187 8.95 -4.50 -6.48
CA LEU C 187 7.49 -4.57 -6.37
C LEU C 187 7.08 -5.66 -5.40
N PRO C 188 5.90 -5.51 -4.76
CA PRO C 188 5.49 -6.47 -3.74
C PRO C 188 5.13 -7.82 -4.35
N ALA C 189 5.38 -8.89 -3.60
CA ALA C 189 5.13 -10.26 -4.05
C ALA C 189 3.69 -10.51 -4.49
N HIS C 190 2.73 -9.84 -3.85
CA HIS C 190 1.32 -10.09 -4.12
C HIS C 190 0.78 -9.54 -5.45
N VAL C 191 1.59 -8.78 -6.18
CA VAL C 191 1.11 -8.14 -7.41
C VAL C 191 1.70 -8.78 -8.65
N PRO C 192 0.87 -9.40 -9.51
CA PRO C 192 1.36 -9.98 -10.76
C PRO C 192 1.92 -8.91 -11.68
N VAL C 193 3.06 -9.20 -12.30
CA VAL C 193 3.73 -8.24 -13.17
C VAL C 193 3.96 -8.86 -14.54
N HIS C 194 3.44 -8.19 -15.55
CA HIS C 194 3.57 -8.63 -16.93
C HIS C 194 4.41 -7.59 -17.68
N THR C 195 5.45 -8.07 -18.37
CA THR C 195 6.24 -7.22 -19.26
C THR C 195 6.26 -7.87 -20.65
N VAL C 196 6.01 -7.08 -21.69
CA VAL C 196 5.95 -7.62 -23.06
C VAL C 196 7.36 -7.89 -23.60
N LEU C 197 8.25 -6.91 -23.39
CA LEU C 197 9.60 -7.00 -23.92
C LEU C 197 10.61 -6.92 -22.78
N GLN C 198 11.61 -7.79 -22.84
CA GLN C 198 12.67 -7.74 -21.83
C GLN C 198 13.90 -7.25 -22.56
N LEU C 199 14.31 -6.03 -22.25
CA LEU C 199 15.38 -5.39 -23.01
C LEU C 199 16.55 -5.10 -22.10
N ASN D 24 -28.34 11.51 -26.98
CA ASN D 24 -27.32 12.31 -27.73
C ASN D 24 -27.11 13.69 -27.11
N ALA D 25 -28.17 14.49 -27.07
CA ALA D 25 -28.12 15.84 -26.49
C ALA D 25 -28.11 15.78 -24.97
N THR D 26 -29.05 15.02 -24.40
CA THR D 26 -29.16 14.85 -22.95
C THR D 26 -27.98 14.05 -22.39
N ALA D 27 -27.42 13.18 -23.22
CA ALA D 27 -26.25 12.40 -22.86
C ALA D 27 -25.03 13.31 -22.66
N LEU D 28 -24.87 14.29 -23.56
CA LEU D 28 -23.81 15.30 -23.48
C LEU D 28 -23.90 16.19 -22.24
N GLU D 29 -25.11 16.39 -21.71
CA GLU D 29 -25.27 17.16 -20.48
C GLU D 29 -24.63 16.44 -19.28
N THR D 30 -24.69 15.11 -19.28
CA THR D 30 -24.02 14.32 -18.25
C THR D 30 -22.50 14.56 -18.28
N LEU D 31 -21.93 14.66 -19.49
CA LEU D 31 -20.50 14.97 -19.63
C LEU D 31 -20.20 16.34 -19.07
N LYS D 32 -20.98 17.33 -19.48
CA LYS D 32 -20.85 18.71 -18.98
C LYS D 32 -20.83 18.76 -17.46
N GLN D 33 -21.83 18.14 -16.82
CA GLN D 33 -21.95 18.21 -15.37
C GLN D 33 -20.80 17.56 -14.62
N ALA D 34 -20.11 16.62 -15.28
CA ALA D 34 -19.00 15.91 -14.68
C ALA D 34 -17.70 16.72 -14.69
N ILE D 35 -17.56 17.65 -15.63
CA ILE D 35 -16.34 18.49 -15.69
C ILE D 35 -16.26 19.32 -14.43
N ARG D 36 -15.11 19.36 -13.77
CA ARG D 36 -14.98 20.28 -12.67
C ARG D 36 -13.93 21.35 -12.90
N THR D 37 -14.20 22.54 -12.38
CA THR D 37 -13.27 23.66 -12.45
C THR D 37 -12.42 23.70 -11.21
N VAL D 38 -11.11 23.83 -11.39
CA VAL D 38 -10.20 23.99 -10.27
C VAL D 38 -9.63 25.40 -10.42
N PRO D 39 -9.99 26.30 -9.48
CA PRO D 39 -9.51 27.66 -9.59
C PRO D 39 -8.01 27.75 -9.31
N ASP D 40 -7.32 28.63 -10.05
CA ASP D 40 -5.90 28.93 -9.89
C ASP D 40 -4.98 27.71 -10.07
N PHE D 41 -5.11 27.05 -11.22
CA PHE D 41 -4.24 25.96 -11.62
C PHE D 41 -4.09 25.95 -13.14
N PRO D 42 -2.85 25.83 -13.65
CA PRO D 42 -1.56 25.75 -12.94
C PRO D 42 -1.11 27.09 -12.37
N GLU D 43 -1.46 28.18 -13.05
CA GLU D 43 -1.10 29.53 -12.62
C GLU D 43 -2.28 30.20 -11.94
N PRO D 44 -2.02 31.11 -10.98
CA PRO D 44 -3.11 31.90 -10.39
C PRO D 44 -3.81 32.73 -11.46
N GLY D 45 -5.10 32.46 -11.67
CA GLY D 45 -5.87 33.13 -12.71
C GLY D 45 -6.55 32.18 -13.68
N ILE D 46 -5.88 31.08 -14.02
CA ILE D 46 -6.40 30.07 -14.94
C ILE D 46 -7.51 29.25 -14.28
N GLN D 47 -8.65 29.18 -14.97
CA GLN D 47 -9.81 28.41 -14.52
C GLN D 47 -9.74 27.03 -15.14
N PHE D 48 -9.08 26.11 -14.44
CA PHE D 48 -8.71 24.81 -15.03
C PHE D 48 -9.89 23.87 -15.17
N LYS D 49 -10.09 23.35 -16.38
CA LYS D 49 -11.12 22.35 -16.62
C LYS D 49 -10.53 20.96 -16.48
N ASP D 50 -10.90 20.28 -15.40
CA ASP D 50 -10.43 18.95 -15.02
C ASP D 50 -11.39 17.90 -15.55
N ILE D 51 -10.93 17.12 -16.52
CA ILE D 51 -11.77 16.08 -17.11
C ILE D 51 -11.63 14.70 -16.45
N THR D 52 -10.87 14.61 -15.36
CA THR D 52 -10.70 13.29 -14.72
C THR D 52 -12.01 12.58 -14.32
N PRO D 53 -13.05 13.32 -13.93
CA PRO D 53 -14.28 12.60 -13.63
C PRO D 53 -14.93 11.94 -14.85
N VAL D 54 -14.71 12.48 -16.05
CA VAL D 54 -15.16 11.80 -17.26
C VAL D 54 -14.29 10.59 -17.53
N LEU D 55 -12.97 10.76 -17.40
CA LEU D 55 -12.04 9.69 -17.73
C LEU D 55 -12.23 8.47 -16.86
N GLY D 56 -12.58 8.69 -15.60
CA GLY D 56 -12.63 7.60 -14.63
C GLY D 56 -13.90 6.78 -14.66
N HIS D 57 -14.93 7.31 -15.30
CA HIS D 57 -16.20 6.60 -15.34
C HIS D 57 -16.43 6.03 -16.74
N PRO D 58 -16.43 4.69 -16.86
CA PRO D 58 -16.48 4.07 -18.19
C PRO D 58 -17.63 4.51 -19.10
N GLU D 59 -18.81 4.75 -18.52
CA GLU D 59 -19.97 5.23 -19.29
C GLU D 59 -19.74 6.63 -19.88
N LEU D 60 -19.08 7.51 -19.12
CA LEU D 60 -18.79 8.86 -19.60
C LEU D 60 -17.64 8.86 -20.59
N LEU D 61 -16.64 8.03 -20.31
CA LEU D 61 -15.49 7.91 -21.18
C LEU D 61 -15.91 7.45 -22.59
N ARG D 62 -16.77 6.42 -22.66
CA ARG D 62 -17.19 5.93 -23.96
C ARG D 62 -17.99 6.99 -24.71
N LEU D 63 -18.78 7.79 -23.98
CA LEU D 63 -19.59 8.84 -24.59
CA LEU D 63 -19.59 8.84 -24.59
C LEU D 63 -18.68 9.94 -25.15
N ALA D 64 -17.64 10.27 -24.39
CA ALA D 64 -16.66 11.26 -24.82
C ALA D 64 -16.01 10.86 -26.15
N ILE D 65 -15.58 9.59 -26.25
CA ILE D 65 -14.91 9.12 -27.46
C ILE D 65 -15.88 9.10 -28.65
N GLU D 66 -17.10 8.63 -28.43
CA GLU D 66 -18.12 8.63 -29.48
C GLU D 66 -18.39 10.05 -29.97
N ALA D 67 -18.51 11.00 -29.04
CA ALA D 67 -18.84 12.36 -29.43
C ALA D 67 -17.70 13.00 -30.23
N LEU D 68 -16.46 12.76 -29.78
CA LEU D 68 -15.28 13.31 -30.46
C LEU D 68 -15.16 12.81 -31.90
N LEU D 69 -15.54 11.55 -32.13
CA LEU D 69 -15.39 10.94 -33.46
C LEU D 69 -16.57 11.11 -34.40
N GLU D 70 -17.71 11.55 -33.86
CA GLU D 70 -18.97 11.57 -34.61
C GLU D 70 -18.85 12.24 -35.99
N PRO D 71 -18.27 13.44 -36.09
CA PRO D 71 -18.20 14.06 -37.42
C PRO D 71 -17.14 13.47 -38.36
N PHE D 72 -16.34 12.52 -37.89
CA PHE D 72 -15.18 12.03 -38.63
C PHE D 72 -15.28 10.55 -39.01
N GLN D 73 -16.51 10.04 -39.06
CA GLN D 73 -16.76 8.59 -39.12
C GLN D 73 -16.25 7.87 -40.38
N GLU D 74 -16.22 8.57 -41.51
CA GLU D 74 -15.77 7.96 -42.76
C GLU D 74 -14.76 8.82 -43.50
N GLN D 75 -13.67 9.15 -42.82
CA GLN D 75 -12.68 10.11 -43.33
C GLN D 75 -11.25 9.58 -43.50
N GLU D 76 -11.08 8.27 -43.45
CA GLU D 76 -9.79 7.60 -43.73
C GLU D 76 -8.60 8.24 -43.00
N ILE D 77 -8.73 8.39 -41.68
CA ILE D 77 -7.70 8.98 -40.82
C ILE D 77 -6.55 7.98 -40.59
N THR D 78 -5.33 8.41 -40.89
CA THR D 78 -4.15 7.55 -40.69
C THR D 78 -3.34 7.83 -39.42
N LYS D 79 -3.45 9.05 -38.90
CA LYS D 79 -2.73 9.42 -37.69
C LYS D 79 -3.60 10.30 -36.81
N VAL D 80 -3.51 10.08 -35.50
CA VAL D 80 -4.09 11.00 -34.51
C VAL D 80 -2.97 11.64 -33.72
N VAL D 81 -2.96 12.97 -33.68
CA VAL D 81 -2.00 13.71 -32.88
C VAL D 81 -2.65 14.04 -31.55
N GLY D 82 -1.94 13.79 -30.45
CA GLY D 82 -2.36 14.28 -29.14
C GLY D 82 -1.45 15.39 -28.65
N ILE D 83 -2.07 16.53 -28.31
CA ILE D 83 -1.27 17.69 -27.91
C ILE D 83 -0.99 17.64 -26.41
N GLU D 84 0.28 17.39 -26.08
CA GLU D 84 0.79 17.33 -24.71
C GLU D 84 0.15 16.28 -23.82
N SER D 85 0.63 16.18 -22.58
CA SER D 85 0.29 15.08 -21.68
CA SER D 85 0.30 15.04 -21.73
C SER D 85 -1.22 14.82 -21.61
N ARG D 86 -1.97 15.88 -21.36
CA ARG D 86 -3.39 15.72 -21.19
C ARG D 86 -4.12 15.40 -22.49
N GLY D 87 -3.53 15.78 -23.63
CA GLY D 87 -4.04 15.37 -24.92
C GLY D 87 -3.75 13.93 -25.29
N PHE D 88 -2.76 13.32 -24.63
CA PHE D 88 -2.42 11.92 -24.91
C PHE D 88 -3.52 10.96 -24.47
N ILE D 89 -4.32 11.37 -23.48
CA ILE D 89 -5.21 10.42 -22.84
C ILE D 89 -6.34 10.00 -23.78
N LEU D 90 -7.16 10.96 -24.20
CA LEU D 90 -8.22 10.61 -25.15
C LEU D 90 -7.59 10.45 -26.52
N GLY D 91 -6.46 11.11 -26.77
CA GLY D 91 -5.82 11.05 -28.08
C GLY D 91 -5.41 9.64 -28.47
N GLY D 92 -4.80 8.92 -27.56
CA GLY D 92 -4.40 7.54 -27.83
C GLY D 92 -5.63 6.67 -28.09
N LEU D 94 -8.44 7.62 -29.27
CA LEU D 94 -8.95 7.89 -30.63
C LEU D 94 -8.16 7.16 -31.69
N ALA D 95 -6.82 7.14 -31.58
CA ALA D 95 -5.99 6.40 -32.53
C ALA D 95 -6.34 4.91 -32.54
N HIS D 96 -6.42 4.31 -31.36
CA HIS D 96 -6.72 2.88 -31.26
C HIS D 96 -8.11 2.58 -31.87
N HIS D 97 -9.09 3.42 -31.55
CA HIS D 97 -10.46 3.31 -32.07
C HIS D 97 -10.50 3.37 -33.60
N LEU D 98 -9.67 4.25 -34.18
CA LEU D 98 -9.62 4.46 -35.63
C LEU D 98 -8.62 3.57 -36.38
N ASP D 99 -7.92 2.70 -35.66
CA ASP D 99 -6.86 1.88 -36.27
C ASP D 99 -5.85 2.76 -36.96
N ALA D 100 -5.50 3.85 -36.28
CA ALA D 100 -4.58 4.82 -36.82
C ALA D 100 -3.35 4.78 -35.95
N GLY D 101 -2.26 5.38 -36.42
CA GLY D 101 -1.10 5.60 -35.58
C GLY D 101 -1.33 6.76 -34.63
N PHE D 102 -0.65 6.75 -33.49
CA PHE D 102 -0.70 7.87 -32.55
C PHE D 102 0.61 8.67 -32.54
N VAL D 103 0.50 10.00 -32.60
CA VAL D 103 1.67 10.88 -32.59
C VAL D 103 1.57 11.88 -31.44
N PRO D 104 2.55 11.84 -30.51
CA PRO D 104 2.60 12.85 -29.45
C PRO D 104 3.22 14.16 -29.97
N VAL D 105 2.55 15.28 -29.72
CA VAL D 105 3.17 16.60 -29.87
C VAL D 105 3.42 17.17 -28.48
N ARG D 106 4.60 17.77 -28.26
CA ARG D 106 4.99 18.18 -26.91
C ARG D 106 5.66 19.53 -26.87
N LYS D 107 5.70 20.12 -25.67
CA LYS D 107 6.49 21.33 -25.42
C LYS D 107 7.97 21.02 -25.69
N LYS D 108 8.71 22.05 -26.09
CA LYS D 108 10.13 21.89 -26.40
C LYS D 108 10.90 21.07 -25.35
N GLY D 109 11.73 20.15 -25.85
CA GLY D 109 12.65 19.38 -25.02
C GLY D 109 12.08 18.13 -24.37
N LYS D 110 10.82 17.83 -24.64
CA LYS D 110 10.17 16.68 -24.00
C LYS D 110 10.06 15.43 -24.87
N LEU D 111 10.52 15.51 -26.11
CA LEU D 111 10.58 14.35 -27.00
C LEU D 111 12.01 13.91 -27.23
N PRO D 112 12.25 12.60 -27.31
CA PRO D 112 13.61 12.07 -27.34
C PRO D 112 14.32 12.07 -28.70
N TYR D 113 13.58 11.83 -29.78
CA TYR D 113 14.19 11.68 -31.12
C TYR D 113 14.30 13.03 -31.82
N GLN D 114 14.96 13.06 -32.98
CA GLN D 114 15.01 14.29 -33.77
C GLN D 114 13.61 14.85 -34.02
N THR D 115 13.49 16.17 -33.92
CA THR D 115 12.19 16.82 -34.02
C THR D 115 12.12 17.92 -35.08
N LEU D 116 10.91 18.22 -35.51
CA LEU D 116 10.63 19.52 -36.08
C LEU D 116 9.88 20.35 -35.04
N ALA D 117 10.01 21.67 -35.15
CA ALA D 117 9.54 22.59 -34.11
C ALA D 117 8.77 23.75 -34.71
N GLU D 118 7.68 24.15 -34.04
CA GLU D 118 6.90 25.33 -34.41
C GLU D 118 6.79 26.28 -33.22
N SER D 119 6.88 27.58 -33.51
CA SER D 119 6.95 28.59 -32.45
C SER D 119 5.65 29.39 -32.36
N TYR D 120 4.70 28.87 -31.59
CA TYR D 120 3.38 29.49 -31.39
C TYR D 120 3.38 30.64 -30.38
N GLN D 121 2.28 31.37 -30.35
CA GLN D 121 2.13 32.47 -29.39
C GLN D 121 1.30 32.10 -28.17
N LEU D 122 1.77 32.55 -27.02
CA LEU D 122 1.09 32.39 -25.75
C LEU D 122 1.28 33.66 -24.92
N GLU D 123 1.07 33.55 -23.60
CA GLU D 123 1.06 34.69 -22.69
C GLU D 123 2.34 35.53 -22.70
N TYR D 124 3.49 34.87 -22.76
CA TYR D 124 4.79 35.57 -22.79
C TYR D 124 5.36 35.76 -24.19
N GLY D 125 4.47 35.62 -25.18
CA GLY D 125 4.83 35.86 -26.57
C GLY D 125 5.00 34.55 -27.29
N THR D 126 6.12 33.90 -27.01
CA THR D 126 6.64 32.81 -27.82
C THR D 126 7.02 31.55 -27.04
N ASP D 127 6.49 30.41 -27.47
CA ASP D 127 6.99 29.12 -27.00
C ASP D 127 7.12 28.17 -28.17
N THR D 128 7.62 26.97 -27.91
CA THR D 128 7.93 26.03 -28.95
C THR D 128 7.29 24.69 -28.64
N ILE D 129 6.60 24.13 -29.63
CA ILE D 129 6.19 22.74 -29.59
C ILE D 129 6.95 21.93 -30.64
N GLU D 130 7.01 20.61 -30.43
CA GLU D 130 7.81 19.72 -31.27
C GLU D 130 7.07 18.43 -31.61
N HIS D 132 8.29 14.45 -33.52
CA HIS D 132 9.36 13.68 -34.16
C HIS D 132 9.34 13.83 -35.68
N ILE D 133 10.54 13.88 -36.28
CA ILE D 133 10.67 14.05 -37.73
C ILE D 133 10.09 12.91 -38.57
N ASP D 134 9.96 11.73 -37.97
CA ASP D 134 9.42 10.57 -38.65
C ASP D 134 7.98 10.22 -38.26
N ALA D 135 7.33 11.16 -37.57
CA ALA D 135 5.98 10.92 -37.04
C ALA D 135 4.93 10.92 -38.14
N ILE D 136 5.07 11.87 -39.07
CA ILE D 136 4.07 12.12 -40.11
C ILE D 136 4.76 12.06 -41.45
N GLU D 137 4.10 11.42 -42.40
CA GLU D 137 4.60 11.29 -43.76
C GLU D 137 3.70 12.07 -44.70
N PRO D 138 4.25 12.54 -45.82
CA PRO D 138 3.42 13.20 -46.82
C PRO D 138 2.22 12.32 -47.21
N GLY D 139 1.04 12.93 -47.24
CA GLY D 139 -0.19 12.22 -47.60
C GLY D 139 -0.99 11.70 -46.39
N ASP D 140 -0.38 11.69 -45.20
CA ASP D 140 -1.10 11.29 -43.98
C ASP D 140 -2.34 12.15 -43.82
N ARG D 141 -3.44 11.53 -43.40
CA ARG D 141 -4.67 12.22 -43.07
C ARG D 141 -4.75 12.23 -41.54
N VAL D 142 -4.69 13.43 -40.95
CA VAL D 142 -4.40 13.56 -39.53
C VAL D 142 -5.56 14.21 -38.77
N LEU D 143 -5.92 13.60 -37.64
CA LEU D 143 -6.86 14.21 -36.72
C LEU D 143 -6.05 14.73 -35.53
N ILE D 144 -6.26 16.00 -35.19
CA ILE D 144 -5.57 16.61 -34.05
C ILE D 144 -6.51 16.68 -32.86
N HIS D 145 -6.03 16.21 -31.70
CA HIS D 145 -6.84 16.22 -30.50
C HIS D 145 -6.13 16.91 -29.33
N ASP D 146 -6.93 17.62 -28.54
CA ASP D 146 -6.50 18.05 -27.20
C ASP D 146 -7.77 18.04 -26.34
N ASP D 147 -7.63 17.90 -25.03
CA ASP D 147 -8.83 17.89 -24.21
C ASP D 147 -9.54 19.24 -24.25
N VAL D 148 -8.76 20.32 -24.21
CA VAL D 148 -9.33 21.68 -24.17
C VAL D 148 -8.68 22.55 -25.25
N ILE D 149 -9.50 23.34 -25.96
CA ILE D 149 -8.99 24.47 -26.74
C ILE D 149 -9.36 25.74 -25.99
N ALA D 150 -8.33 26.55 -25.73
CA ALA D 150 -8.48 27.82 -25.01
C ALA D 150 -8.23 28.96 -25.98
N THR D 151 -7.03 29.53 -25.99
CA THR D 151 -6.71 30.62 -26.94
C THR D 151 -6.55 30.07 -28.35
N GLY D 152 -6.29 28.76 -28.46
CA GLY D 152 -6.08 28.14 -29.76
C GLY D 152 -4.65 28.24 -30.27
N GLY D 153 -3.77 28.92 -29.54
CA GLY D 153 -2.38 29.10 -30.00
C GLY D 153 -1.68 27.77 -30.25
N THR D 154 -1.82 26.84 -29.30
CA THR D 154 -1.13 25.57 -29.42
C THR D 154 -1.68 24.75 -30.59
N ALA D 155 -3.01 24.68 -30.72
CA ALA D 155 -3.59 23.97 -31.85
C ALA D 155 -3.19 24.59 -33.18
N GLU D 156 -3.09 25.92 -33.24
CA GLU D 156 -2.68 26.58 -34.47
C GLU D 156 -1.28 26.12 -34.87
N ALA D 157 -0.37 26.09 -33.89
CA ALA D 157 1.01 25.72 -34.16
C ALA D 157 1.10 24.24 -34.52
N THR D 158 0.23 23.42 -33.93
CA THR D 158 0.22 21.98 -34.23
C THR D 158 -0.25 21.67 -35.66
N ILE D 159 -1.27 22.40 -36.13
CA ILE D 159 -1.67 22.32 -37.53
C ILE D 159 -0.48 22.64 -38.44
N ARG D 160 0.28 23.68 -38.11
CA ARG D 160 1.47 24.03 -38.92
C ARG D 160 2.52 22.93 -38.91
N LEU D 161 2.77 22.33 -37.74
CA LEU D 161 3.72 21.22 -37.64
C LEU D 161 3.35 20.07 -38.53
N VAL D 162 2.08 19.67 -38.46
CA VAL D 162 1.57 18.56 -39.25
C VAL D 162 1.73 18.85 -40.73
N GLU D 163 1.37 20.07 -41.14
CA GLU D 163 1.44 20.46 -42.54
C GLU D 163 2.88 20.52 -43.02
N ARG D 164 3.80 20.96 -42.17
CA ARG D 164 5.22 21.01 -42.55
C ARG D 164 5.83 19.64 -42.81
N ALA D 165 5.33 18.65 -42.08
CA ALA D 165 5.71 17.26 -42.32
C ALA D 165 5.03 16.66 -43.55
N GLY D 166 4.12 17.42 -44.15
CA GLY D 166 3.38 16.96 -45.33
C GLY D 166 2.03 16.33 -45.03
N GLY D 167 1.65 16.32 -43.76
CA GLY D 167 0.31 15.80 -43.40
C GLY D 167 -0.80 16.77 -43.77
N GLU D 168 -2.01 16.22 -43.93
CA GLU D 168 -3.21 16.99 -44.18
C GLU D 168 -4.12 16.84 -42.98
N VAL D 169 -4.56 17.96 -42.42
CA VAL D 169 -5.40 17.94 -41.21
C VAL D 169 -6.87 17.75 -41.56
N VAL D 170 -7.37 16.56 -41.26
CA VAL D 170 -8.78 16.17 -41.46
C VAL D 170 -9.67 17.04 -40.58
N GLY D 171 -9.15 17.37 -39.39
CA GLY D 171 -9.87 18.22 -38.47
C GLY D 171 -9.21 18.22 -37.11
N CYS D 172 -9.71 19.08 -36.25
CA CYS D 172 -9.40 19.04 -34.83
C CYS D 172 -10.63 18.56 -34.08
N ALA D 173 -10.39 17.76 -33.05
CA ALA D 173 -11.45 17.27 -32.16
C ALA D 173 -11.04 17.58 -30.72
N PHE D 174 -11.78 18.49 -30.08
CA PHE D 174 -11.52 18.87 -28.68
C PHE D 174 -12.72 18.48 -27.81
N LEU D 175 -12.46 18.02 -26.59
CA LEU D 175 -13.59 17.76 -25.69
C LEU D 175 -14.27 19.05 -25.26
N ILE D 176 -13.46 20.06 -24.96
CA ILE D 176 -14.00 21.29 -24.43
C ILE D 176 -13.45 22.46 -25.22
N GLU D 177 -14.35 23.38 -25.53
CA GLU D 177 -14.01 24.68 -26.09
C GLU D 177 -14.36 25.76 -25.09
N LEU D 178 -13.37 26.56 -24.72
CA LEU D 178 -13.62 27.71 -23.83
C LEU D 178 -14.02 28.87 -24.75
N THR D 179 -15.31 28.99 -25.00
CA THR D 179 -15.79 29.90 -26.05
C THR D 179 -15.46 31.36 -25.78
N GLY D 180 -15.38 31.75 -24.51
CA GLY D 180 -15.04 33.15 -24.18
C GLY D 180 -13.67 33.59 -24.68
N LEU D 181 -12.79 32.61 -24.90
CA LEU D 181 -11.41 32.88 -25.33
C LEU D 181 -11.29 32.89 -26.85
N GLN D 182 -12.35 32.47 -27.54
CA GLN D 182 -12.46 32.57 -29.01
C GLN D 182 -11.32 31.90 -29.77
N GLY D 183 -10.84 30.77 -29.25
CA GLY D 183 -9.78 30.00 -29.91
C GLY D 183 -10.08 29.56 -31.34
N ARG D 184 -11.34 29.30 -31.64
CA ARG D 184 -11.73 28.96 -33.01
C ARG D 184 -11.24 30.00 -34.02
N LYS D 185 -11.30 31.27 -33.64
CA LYS D 185 -10.94 32.39 -34.52
C LYS D 185 -9.46 32.39 -34.88
N ARG D 186 -8.65 31.80 -34.01
CA ARG D 186 -7.21 31.72 -34.20
C ARG D 186 -6.81 30.63 -35.19
N LEU D 187 -7.72 29.68 -35.44
CA LEU D 187 -7.41 28.55 -36.31
C LEU D 187 -7.76 28.87 -37.76
N PRO D 188 -6.98 28.32 -38.71
CA PRO D 188 -7.22 28.67 -40.12
C PRO D 188 -8.48 28.02 -40.67
N ALA D 189 -9.13 28.72 -41.59
CA ALA D 189 -10.44 28.32 -42.11
C ALA D 189 -10.51 26.97 -42.82
N HIS D 190 -9.36 26.45 -43.26
CA HIS D 190 -9.36 25.20 -44.02
C HIS D 190 -9.37 23.95 -43.14
N VAL D 191 -9.34 24.13 -41.81
CA VAL D 191 -9.31 22.98 -40.91
C VAL D 191 -10.64 22.89 -40.16
N PRO D 192 -11.43 21.82 -40.40
CA PRO D 192 -12.68 21.62 -39.65
C PRO D 192 -12.39 21.50 -38.15
N VAL D 193 -13.16 22.19 -37.33
CA VAL D 193 -12.98 22.13 -35.87
C VAL D 193 -14.26 21.64 -35.21
N HIS D 194 -14.15 20.54 -34.47
CA HIS D 194 -15.23 19.94 -33.72
C HIS D 194 -14.95 20.06 -32.22
N THR D 195 -15.93 20.53 -31.46
CA THR D 195 -15.80 20.57 -30.01
C THR D 195 -17.06 19.94 -29.42
N VAL D 196 -16.87 19.09 -28.42
CA VAL D 196 -18.02 18.38 -27.83
C VAL D 196 -18.82 19.28 -26.89
N LEU D 197 -18.11 19.96 -25.99
CA LEU D 197 -18.69 20.84 -24.97
C LEU D 197 -18.23 22.27 -25.17
N GLN D 198 -19.15 23.22 -24.93
CA GLN D 198 -18.80 24.64 -24.93
C GLN D 198 -18.98 25.16 -23.51
N LEU D 199 -17.88 25.56 -22.89
CA LEU D 199 -17.87 26.02 -21.50
C LEU D 199 -17.29 27.42 -21.41
#